data_9C92
#
_entry.id   9C92
#
_cell.length_a   56.831
_cell.length_b   87.764
_cell.length_c   195.425
_cell.angle_alpha   90.000
_cell.angle_beta   90.000
_cell.angle_gamma   90.000
#
_symmetry.space_group_name_H-M   'P 21 21 21'
#
loop_
_entity.id
_entity.type
_entity.pdbx_description
1 polymer Menin
2 non-polymer N-ethyl-5-fluoro-2-[(5-{7-[(1-methylcyclopropyl)methyl]-2,7-diazaspiro[3.5]nonan-2-yl}-1,2,4-triazin-6-yl)oxy]-N-(propan-2-yl)benzamide
3 water water
#
_entity_poly.entity_id   1
_entity_poly.type   'polypeptide(L)'
_entity_poly.pdbx_seq_one_letter_code
;MHHHHHHSSGRENLYFQGSGLKTAQKTLFPLRSIDDVVRLFAAELGREEPDLVLLSLVLGFVEHFLAVNRVIPTNVPELT
FQPSPAPDPPGGLTYFPVADLSIIAALYARFTAQIRGAVDLSLYPREGGVSSRELVKKVSDVIWNSLSRSYFKDRAHIQS
LFSFITGTKLDSSGVAFAVVGACQALGLRDVHLALSEDHAWVVFGPNGEQTAEVTWHGKGNEDRRGQTVNAGVAERSWLY
LKGSYMRCDRKMEVAFMVCAINPSIDLHTDSLELLQLQQKLLWLLYDLGHLERYPMALGNLADLEELEPTPGRPDPLTLY
HKGIASAKTYYRDEHIYPYMYLAGYHCRNRNVREALQAWADTATVIQDYNYCREDEEIYKEFFEVANDVIPNLLKEAASL
LEAGEERPGEQSQGTQSQGSALQDPECFAHLLRFYDGICKWEEGSPTPVLHVGWATFLVQSLGRFEGQVRQKVRITFQSE
KMKGMKELLVATKINSSAIKLQLTAQS
;
_entity_poly.pdbx_strand_id   A,B
#
# COMPACT_ATOMS: atom_id res chain seq x y z
N GLY A 20 -40.96 -4.72 -24.92
CA GLY A 20 -41.92 -3.67 -25.26
C GLY A 20 -41.96 -2.54 -24.27
N LEU A 21 -41.24 -1.45 -24.58
CA LEU A 21 -41.25 -0.27 -23.74
C LEU A 21 -42.62 0.39 -23.78
N LYS A 22 -43.17 0.68 -22.61
CA LYS A 22 -44.41 1.44 -22.53
C LYS A 22 -44.19 2.84 -23.11
N THR A 23 -45.29 3.50 -23.47
CA THR A 23 -45.20 4.81 -24.12
C THR A 23 -44.53 5.84 -23.21
N ALA A 24 -44.83 5.79 -21.91
CA ALA A 24 -44.25 6.76 -20.98
C ALA A 24 -42.74 6.59 -20.90
N GLN A 25 -42.25 5.35 -20.96
CA GLN A 25 -40.80 5.12 -20.98
C GLN A 25 -40.17 5.74 -22.22
N LYS A 26 -40.90 5.77 -23.33
CA LYS A 26 -40.34 6.19 -24.60
C LYS A 26 -40.18 7.71 -24.67
N THR A 27 -41.01 8.45 -23.93
CA THR A 27 -41.05 9.91 -24.08
C THR A 27 -39.75 10.57 -23.60
N LEU A 28 -39.10 9.99 -22.60
CA LEU A 28 -37.91 10.60 -22.03
C LEU A 28 -36.75 10.64 -23.02
N PHE A 29 -36.67 9.68 -23.93
CA PHE A 29 -35.57 9.63 -24.87
C PHE A 29 -35.73 10.71 -25.94
N PRO A 30 -34.61 11.19 -26.52
CA PRO A 30 -33.22 10.77 -26.27
C PRO A 30 -32.60 11.39 -25.03
N LEU A 31 -31.97 10.56 -24.21
CA LEU A 31 -31.23 11.06 -23.06
C LEU A 31 -29.98 11.77 -23.56
N ARG A 32 -29.90 13.08 -23.33
CA ARG A 32 -28.75 13.87 -23.75
C ARG A 32 -27.92 14.39 -22.60
N SER A 33 -28.35 14.16 -21.35
CA SER A 33 -27.65 14.71 -20.19
C SER A 33 -27.75 13.75 -19.02
N ILE A 34 -26.94 14.02 -18.01
CA ILE A 34 -27.05 13.30 -16.75
C ILE A 34 -28.45 13.44 -16.17
N ASP A 35 -29.02 14.66 -16.18
CA ASP A 35 -30.36 14.81 -15.60
C ASP A 35 -31.37 13.96 -16.32
N ASP A 36 -31.28 13.88 -17.65
CA ASP A 36 -32.17 13.01 -18.41
C ASP A 36 -32.13 11.59 -17.88
N VAL A 37 -30.92 11.10 -17.56
CA VAL A 37 -30.81 9.80 -16.89
C VAL A 37 -31.54 9.83 -15.57
N VAL A 38 -31.29 10.87 -14.76
CA VAL A 38 -31.93 10.97 -13.45
C VAL A 38 -33.45 11.03 -13.60
N ARG A 39 -33.96 11.83 -14.55
CA ARG A 39 -35.40 11.87 -14.76
C ARG A 39 -35.93 10.51 -15.17
N LEU A 40 -35.13 9.75 -15.93
CA LEU A 40 -35.58 8.44 -16.35
C LEU A 40 -35.56 7.47 -15.18
N PHE A 41 -34.55 7.59 -14.31
CA PHE A 41 -34.55 6.83 -13.06
C PHE A 41 -35.65 7.29 -12.13
N ALA A 42 -35.84 8.61 -12.01
CA ALA A 42 -36.93 9.14 -11.20
C ALA A 42 -38.28 8.63 -11.70
N ALA A 43 -38.50 8.66 -13.01
CA ALA A 43 -39.75 8.17 -13.56
C ALA A 43 -39.94 6.69 -13.28
N GLU A 44 -38.86 5.91 -13.40
CA GLU A 44 -39.00 4.46 -13.25
C GLU A 44 -39.20 4.07 -11.79
N LEU A 45 -38.53 4.74 -10.86
CA LEU A 45 -38.70 4.43 -9.44
C LEU A 45 -40.11 4.72 -8.94
N GLY A 46 -40.90 5.48 -9.69
CA GLY A 46 -42.28 5.71 -9.31
C GLY A 46 -43.18 4.52 -9.57
N ARG A 47 -42.83 3.68 -10.54
CA ARG A 47 -43.64 2.51 -10.84
C ARG A 47 -43.51 1.46 -9.74
N GLU A 48 -44.56 0.66 -9.59
CA GLU A 48 -44.52 -0.40 -8.58
C GLU A 48 -43.43 -1.42 -8.87
N GLU A 49 -42.86 -1.41 -10.07
CA GLU A 49 -41.79 -2.33 -10.43
C GLU A 49 -40.96 -1.69 -11.55
N PRO A 50 -39.85 -1.04 -11.20
CA PRO A 50 -39.04 -0.35 -12.21
C PRO A 50 -38.31 -1.33 -13.12
N ASP A 51 -38.05 -0.87 -14.36
CA ASP A 51 -37.51 -1.74 -15.40
C ASP A 51 -36.01 -1.89 -15.22
N LEU A 52 -35.62 -3.03 -14.63
CA LEU A 52 -34.23 -3.30 -14.33
C LEU A 52 -33.39 -3.45 -15.60
N VAL A 53 -33.94 -4.05 -16.65
CA VAL A 53 -33.19 -4.20 -17.89
C VAL A 53 -32.98 -2.84 -18.56
N LEU A 54 -34.04 -2.04 -18.69
CA LEU A 54 -33.89 -0.75 -19.35
C LEU A 54 -32.91 0.14 -18.59
N LEU A 55 -33.05 0.23 -17.27
CA LEU A 55 -32.16 1.06 -16.47
C LEU A 55 -30.71 0.60 -16.59
N SER A 56 -30.46 -0.71 -16.52
CA SER A 56 -29.07 -1.19 -16.51
C SER A 56 -28.44 -1.03 -17.90
N LEU A 57 -29.23 -1.14 -18.97
CA LEU A 57 -28.72 -0.89 -20.31
C LEU A 57 -28.26 0.56 -20.47
N VAL A 58 -29.04 1.51 -19.96
CA VAL A 58 -28.70 2.92 -20.12
C VAL A 58 -27.40 3.25 -19.40
N LEU A 59 -27.26 2.76 -18.16
CA LEU A 59 -26.02 3.01 -17.42
C LEU A 59 -24.85 2.33 -18.10
N GLY A 60 -25.07 1.13 -18.65
CA GLY A 60 -23.99 0.44 -19.34
C GLY A 60 -23.58 1.14 -20.63
N PHE A 61 -24.56 1.63 -21.39
CA PHE A 61 -24.26 2.41 -22.59
C PHE A 61 -23.49 3.67 -22.24
N VAL A 62 -23.95 4.39 -21.22
CA VAL A 62 -23.30 5.63 -20.82
C VAL A 62 -21.88 5.34 -20.35
N GLU A 63 -21.71 4.32 -19.51
CA GLU A 63 -20.38 3.96 -19.00
C GLU A 63 -19.46 3.44 -20.10
N HIS A 64 -20.00 2.75 -21.11
CA HIS A 64 -19.14 2.25 -22.18
C HIS A 64 -18.46 3.38 -22.93
N PHE A 65 -19.22 4.40 -23.31
CA PHE A 65 -18.66 5.49 -24.09
C PHE A 65 -18.05 6.58 -23.21
N LEU A 66 -18.09 6.43 -21.89
CA LEU A 66 -17.41 7.36 -20.99
C LEU A 66 -16.17 6.76 -20.33
N ALA A 67 -16.10 5.43 -20.19
CA ALA A 67 -15.01 4.77 -19.48
C ALA A 67 -14.34 3.66 -20.28
N VAL A 68 -15.11 2.84 -21.00
CA VAL A 68 -14.52 1.77 -21.81
C VAL A 68 -13.88 2.34 -23.07
N ASN A 69 -14.63 3.15 -23.81
CA ASN A 69 -14.15 3.77 -25.04
C ASN A 69 -14.15 5.27 -24.84
N ARG A 70 -13.06 5.78 -24.26
CA ARG A 70 -12.92 7.20 -23.94
C ARG A 70 -12.66 8.00 -25.22
N VAL A 71 -13.63 8.82 -25.63
CA VAL A 71 -13.57 9.47 -26.94
C VAL A 71 -12.51 10.56 -26.96
N ILE A 72 -12.52 11.45 -25.98
CA ILE A 72 -11.57 12.56 -25.88
C ILE A 72 -10.66 12.33 -24.69
N PRO A 73 -9.33 12.52 -24.83
CA PRO A 73 -8.42 12.35 -23.70
C PRO A 73 -8.84 13.16 -22.49
N THR A 74 -8.31 12.81 -21.32
CA THR A 74 -8.68 13.45 -20.07
C THR A 74 -7.69 14.51 -19.62
N ASN A 75 -6.52 14.60 -20.26
CA ASN A 75 -5.46 15.49 -19.81
C ASN A 75 -5.84 16.95 -19.98
N VAL A 76 -5.13 17.81 -19.25
CA VAL A 76 -5.41 19.24 -19.19
C VAL A 76 -4.14 19.97 -19.60
N PRO A 77 -4.19 20.88 -20.58
CA PRO A 77 -2.97 21.60 -20.97
C PRO A 77 -2.38 22.40 -19.81
N GLU A 78 -1.07 22.60 -19.86
CA GLU A 78 -0.37 23.37 -18.85
C GLU A 78 -0.82 24.83 -18.85
N PRO A 83 -2.76 36.96 -24.26
CA PRO A 83 -3.89 37.88 -24.47
C PRO A 83 -5.01 37.29 -25.32
N SER A 84 -4.74 36.20 -26.03
CA SER A 84 -5.71 35.52 -26.88
C SER A 84 -6.30 34.33 -26.14
N PRO A 85 -7.39 33.76 -26.65
CA PRO A 85 -7.88 32.51 -26.07
C PRO A 85 -6.90 31.38 -26.33
N ALA A 86 -6.97 30.37 -25.46
CA ALA A 86 -6.09 29.23 -25.59
C ALA A 86 -6.49 28.39 -26.80
N PRO A 87 -5.52 27.73 -27.45
CA PRO A 87 -5.85 26.93 -28.64
C PRO A 87 -6.76 25.76 -28.32
N ASP A 88 -6.70 25.21 -27.11
CA ASP A 88 -7.51 24.09 -26.68
C ASP A 88 -8.19 24.43 -25.37
N PRO A 89 -9.31 23.77 -25.05
CA PRO A 89 -9.99 24.02 -23.77
C PRO A 89 -9.02 23.88 -22.61
N PRO A 90 -8.72 24.99 -21.91
CA PRO A 90 -7.59 25.01 -20.98
C PRO A 90 -7.82 24.21 -19.72
N GLY A 91 -9.04 23.80 -19.43
CA GLY A 91 -9.29 22.96 -18.27
C GLY A 91 -9.66 21.55 -18.68
N GLY A 92 -9.73 21.32 -19.97
CA GLY A 92 -10.15 20.04 -20.46
C GLY A 92 -11.63 20.00 -20.78
N LEU A 93 -12.15 18.78 -20.86
CA LEU A 93 -13.42 18.53 -21.50
C LEU A 93 -14.19 17.46 -20.75
N THR A 94 -15.48 17.69 -20.53
CA THR A 94 -16.40 16.62 -20.16
C THR A 94 -17.39 16.42 -21.30
N TYR A 95 -17.92 15.21 -21.44
CA TYR A 95 -18.86 14.95 -22.52
C TYR A 95 -19.92 13.96 -22.07
N PHE A 96 -20.90 13.75 -22.95
CA PHE A 96 -21.99 12.81 -22.74
C PHE A 96 -22.30 12.15 -24.08
N PRO A 97 -22.45 10.82 -24.10
CA PRO A 97 -22.90 10.15 -25.33
C PRO A 97 -24.42 10.06 -25.37
N VAL A 98 -25.07 10.80 -26.27
CA VAL A 98 -26.53 10.77 -26.31
C VAL A 98 -27.02 9.34 -26.52
N ALA A 99 -28.02 8.97 -25.74
CA ALA A 99 -28.63 7.65 -25.80
C ALA A 99 -29.90 7.79 -26.63
N ASP A 100 -29.83 7.31 -27.87
CA ASP A 100 -30.99 7.33 -28.74
C ASP A 100 -31.99 6.26 -28.35
N LEU A 101 -33.26 6.57 -28.55
CA LEU A 101 -34.31 5.58 -28.33
C LEU A 101 -34.07 4.35 -29.20
N SER A 102 -33.76 4.57 -30.48
CA SER A 102 -33.57 3.45 -31.40
C SER A 102 -32.49 2.50 -30.90
N ILE A 103 -31.47 3.03 -30.25
CA ILE A 103 -30.33 2.18 -29.92
C ILE A 103 -30.56 1.44 -28.60
N ILE A 104 -31.11 2.13 -27.60
CA ILE A 104 -31.45 1.46 -26.35
C ILE A 104 -32.58 0.45 -26.55
N ALA A 105 -33.57 0.79 -27.39
CA ALA A 105 -34.70 -0.11 -27.60
C ALA A 105 -34.27 -1.34 -28.40
N ALA A 106 -33.36 -1.17 -29.34
CA ALA A 106 -32.82 -2.31 -30.08
C ALA A 106 -32.13 -3.29 -29.14
N LEU A 107 -31.34 -2.77 -28.20
CA LEU A 107 -30.67 -3.65 -27.24
C LEU A 107 -31.67 -4.26 -26.26
N TYR A 108 -32.60 -3.45 -25.77
CA TYR A 108 -33.69 -3.98 -24.95
C TYR A 108 -34.42 -5.12 -25.64
N ALA A 109 -34.72 -4.94 -26.94
CA ALA A 109 -35.42 -5.99 -27.69
C ALA A 109 -34.56 -7.23 -27.84
N ARG A 110 -33.24 -7.09 -27.95
CA ARG A 110 -32.38 -8.25 -28.06
C ARG A 110 -32.43 -9.09 -26.79
N PHE A 111 -32.35 -8.44 -25.63
CA PHE A 111 -32.35 -9.19 -24.37
C PHE A 111 -33.69 -9.88 -24.15
N THR A 112 -34.80 -9.16 -24.33
CA THR A 112 -36.10 -9.75 -24.05
C THR A 112 -36.45 -10.85 -25.05
N ALA A 113 -36.10 -10.66 -26.32
CA ALA A 113 -36.26 -11.75 -27.28
C ALA A 113 -35.41 -12.95 -26.90
N GLN A 114 -34.23 -12.70 -26.33
CA GLN A 114 -33.37 -13.81 -25.91
C GLN A 114 -33.98 -14.56 -24.73
N ILE A 115 -34.34 -13.83 -23.67
CA ILE A 115 -34.83 -14.46 -22.45
C ILE A 115 -36.18 -15.13 -22.69
N ARG A 116 -37.10 -14.45 -23.38
CA ARG A 116 -38.45 -14.97 -23.53
C ARG A 116 -38.46 -16.26 -24.34
N GLY A 117 -37.65 -16.34 -25.39
CA GLY A 117 -37.62 -17.55 -26.18
C GLY A 117 -36.86 -18.70 -25.58
N ALA A 118 -36.25 -18.51 -24.41
CA ALA A 118 -35.36 -19.51 -23.84
C ALA A 118 -35.96 -20.29 -22.67
N VAL A 119 -37.00 -19.77 -22.03
CA VAL A 119 -37.60 -20.41 -20.86
C VAL A 119 -39.04 -20.81 -21.18
N ASP A 120 -39.47 -21.93 -20.60
CA ASP A 120 -40.78 -22.53 -20.86
C ASP A 120 -41.77 -22.07 -19.79
N LEU A 121 -42.48 -20.98 -20.07
CA LEU A 121 -43.40 -20.44 -19.07
C LEU A 121 -44.71 -21.21 -19.05
N PRO A 125 -46.97 -23.25 -13.76
CA PRO A 125 -48.15 -22.40 -13.65
C PRO A 125 -47.96 -21.24 -12.68
N ARG A 126 -47.06 -21.40 -11.71
CA ARG A 126 -46.75 -20.36 -10.72
C ARG A 126 -48.03 -19.91 -9.99
N GLU A 127 -48.75 -20.90 -9.44
CA GLU A 127 -50.11 -20.66 -8.99
C GLU A 127 -50.19 -19.63 -7.88
N GLY A 128 -49.16 -19.51 -7.05
CA GLY A 128 -49.22 -18.60 -5.93
C GLY A 128 -48.41 -17.33 -6.11
N GLY A 129 -48.14 -16.98 -7.36
CA GLY A 129 -47.22 -15.89 -7.62
C GLY A 129 -45.79 -16.19 -7.22
N VAL A 130 -45.51 -17.42 -6.79
CA VAL A 130 -44.16 -17.82 -6.42
C VAL A 130 -43.59 -18.68 -7.55
N SER A 131 -42.27 -18.76 -7.60
CA SER A 131 -41.57 -19.48 -8.64
C SER A 131 -40.88 -20.72 -8.07
N SER A 132 -40.83 -21.78 -8.87
CA SER A 132 -40.22 -23.04 -8.48
C SER A 132 -38.70 -22.90 -8.43
N ARG A 133 -38.08 -23.80 -7.67
CA ARG A 133 -36.62 -23.85 -7.67
C ARG A 133 -36.09 -24.25 -9.04
N GLU A 134 -36.79 -25.16 -9.72
CA GLU A 134 -36.35 -25.55 -11.05
C GLU A 134 -36.57 -24.44 -12.07
N LEU A 135 -37.54 -23.55 -11.87
CA LEU A 135 -37.69 -22.40 -12.76
C LEU A 135 -36.54 -21.40 -12.59
N VAL A 136 -36.28 -20.99 -11.35
CA VAL A 136 -35.17 -20.05 -11.11
C VAL A 136 -33.87 -20.61 -11.68
N LYS A 137 -33.70 -21.93 -11.59
CA LYS A 137 -32.48 -22.57 -12.05
C LYS A 137 -32.30 -22.46 -13.57
N LYS A 138 -33.39 -22.59 -14.35
CA LYS A 138 -33.19 -22.50 -15.80
C LYS A 138 -33.11 -21.05 -16.28
N VAL A 139 -33.74 -20.08 -15.61
CA VAL A 139 -33.44 -18.69 -15.93
C VAL A 139 -31.96 -18.41 -15.65
N SER A 140 -31.49 -18.87 -14.50
CA SER A 140 -30.07 -18.77 -14.17
C SER A 140 -29.21 -19.47 -15.21
N ASP A 141 -29.62 -20.66 -15.64
CA ASP A 141 -28.85 -21.40 -16.64
C ASP A 141 -28.83 -20.67 -17.97
N VAL A 142 -29.89 -19.96 -18.32
CA VAL A 142 -29.92 -19.25 -19.60
C VAL A 142 -28.89 -18.12 -19.59
N ILE A 143 -28.79 -17.39 -18.49
CA ILE A 143 -27.75 -16.38 -18.40
C ILE A 143 -26.36 -17.02 -18.38
N TRP A 144 -26.19 -18.04 -17.53
CA TRP A 144 -24.89 -18.69 -17.37
C TRP A 144 -24.35 -19.19 -18.69
N ASN A 145 -25.18 -19.89 -19.46
CA ASN A 145 -24.68 -20.54 -20.67
C ASN A 145 -24.56 -19.59 -21.86
N SER A 146 -24.93 -18.32 -21.70
CA SER A 146 -24.74 -17.30 -22.73
C SER A 146 -23.38 -16.61 -22.63
N LEU A 147 -22.66 -16.79 -21.52
CA LEU A 147 -21.40 -16.10 -21.30
C LEU A 147 -20.27 -16.76 -22.08
N SER A 148 -19.28 -15.95 -22.44
CA SER A 148 -18.07 -16.49 -23.06
C SER A 148 -17.40 -17.44 -22.09
N ARG A 149 -16.67 -18.43 -22.62
CA ARG A 149 -16.06 -19.41 -21.70
C ARG A 149 -14.79 -18.86 -21.06
N SER A 150 -14.05 -17.98 -21.74
CA SER A 150 -12.80 -17.46 -21.20
C SER A 150 -12.80 -15.95 -21.26
N TYR A 151 -12.83 -15.32 -20.10
CA TYR A 151 -12.57 -13.89 -19.99
C TYR A 151 -12.16 -13.61 -18.55
N PHE A 152 -11.59 -12.43 -18.33
CA PHE A 152 -11.13 -12.06 -17.00
C PHE A 152 -12.34 -11.56 -16.21
N LYS A 153 -12.78 -12.37 -15.24
CA LYS A 153 -13.98 -12.10 -14.47
C LYS A 153 -13.87 -10.86 -13.60
N ASP A 154 -12.65 -10.38 -13.34
CA ASP A 154 -12.46 -9.27 -12.44
C ASP A 154 -12.24 -7.94 -13.17
N ARG A 155 -12.49 -7.89 -14.47
CA ARG A 155 -12.21 -6.64 -15.17
C ARG A 155 -13.34 -5.64 -14.93
N ALA A 156 -13.04 -4.36 -15.21
CA ALA A 156 -14.01 -3.31 -15.01
C ALA A 156 -15.03 -3.28 -16.16
N HIS A 157 -16.20 -2.70 -15.87
CA HIS A 157 -17.21 -2.35 -16.87
C HIS A 157 -17.88 -3.55 -17.52
N ILE A 158 -17.91 -4.70 -16.84
CA ILE A 158 -18.67 -5.84 -17.34
C ILE A 158 -19.73 -6.18 -16.30
N GLN A 159 -20.33 -5.16 -15.70
CA GLN A 159 -21.31 -5.34 -14.65
C GLN A 159 -22.75 -5.26 -15.14
N SER A 160 -23.00 -4.66 -16.29
CA SER A 160 -24.35 -4.26 -16.68
C SER A 160 -24.92 -5.20 -17.73
N LEU A 161 -26.24 -5.10 -17.91
CA LEU A 161 -26.85 -5.83 -19.02
C LEU A 161 -26.35 -5.35 -20.37
N PHE A 162 -25.84 -4.11 -20.44
CA PHE A 162 -25.20 -3.68 -21.68
C PHE A 162 -23.99 -4.55 -21.99
N SER A 163 -23.19 -4.88 -20.97
CA SER A 163 -22.06 -5.77 -21.19
C SER A 163 -22.53 -7.18 -21.54
N PHE A 164 -23.59 -7.66 -20.89
CA PHE A 164 -24.13 -8.98 -21.20
C PHE A 164 -24.54 -9.07 -22.67
N ILE A 165 -25.35 -8.14 -23.15
CA ILE A 165 -25.88 -8.33 -24.50
C ILE A 165 -24.87 -7.97 -25.57
N THR A 166 -24.01 -6.99 -25.36
CA THR A 166 -23.07 -6.61 -26.41
C THR A 166 -21.72 -7.29 -26.31
N GLY A 167 -21.40 -7.92 -25.18
CA GLY A 167 -20.11 -8.58 -25.04
C GLY A 167 -20.15 -9.99 -24.50
N THR A 168 -21.35 -10.48 -24.17
CA THR A 168 -21.55 -11.77 -23.47
C THR A 168 -20.55 -11.97 -22.33
N LYS A 169 -20.41 -10.94 -21.49
CA LYS A 169 -19.45 -10.95 -20.39
C LYS A 169 -20.10 -10.29 -19.18
N LEU A 170 -20.02 -10.95 -18.02
CA LEU A 170 -20.54 -10.41 -16.77
C LEU A 170 -19.60 -10.75 -15.63
N ASP A 171 -19.39 -9.80 -14.71
CA ASP A 171 -18.61 -10.15 -13.53
C ASP A 171 -19.50 -10.94 -12.58
N SER A 172 -18.98 -11.28 -11.40
CA SER A 172 -19.64 -12.28 -10.56
C SER A 172 -21.03 -11.81 -10.12
N SER A 173 -21.12 -10.67 -9.45
CA SER A 173 -22.43 -10.19 -9.04
C SER A 173 -23.26 -9.70 -10.23
N GLY A 174 -22.62 -9.42 -11.37
CA GLY A 174 -23.38 -9.05 -12.55
C GLY A 174 -24.24 -10.19 -13.06
N VAL A 175 -23.75 -11.42 -12.92
CA VAL A 175 -24.54 -12.60 -13.24
C VAL A 175 -25.80 -12.65 -12.39
N ALA A 176 -25.65 -12.47 -11.08
CA ALA A 176 -26.84 -12.51 -10.21
C ALA A 176 -27.84 -11.42 -10.59
N PHE A 177 -27.34 -10.20 -10.83
CA PHE A 177 -28.24 -9.12 -11.24
C PHE A 177 -28.94 -9.43 -12.56
N ALA A 178 -28.22 -10.01 -13.53
CA ALA A 178 -28.85 -10.33 -14.81
C ALA A 178 -29.92 -11.39 -14.64
N VAL A 179 -29.66 -12.39 -13.79
CA VAL A 179 -30.68 -13.40 -13.51
C VAL A 179 -31.93 -12.74 -12.92
N VAL A 180 -31.74 -11.73 -12.06
CA VAL A 180 -32.89 -11.06 -11.45
C VAL A 180 -33.63 -10.24 -12.50
N GLY A 181 -32.89 -9.57 -13.40
CA GLY A 181 -33.53 -8.79 -14.44
C GLY A 181 -34.27 -9.67 -15.45
N ALA A 182 -33.72 -10.85 -15.73
CA ALA A 182 -34.43 -11.79 -16.60
C ALA A 182 -35.73 -12.25 -15.96
N CYS A 183 -35.73 -12.43 -14.63
CA CYS A 183 -36.94 -12.88 -13.94
C CYS A 183 -38.02 -11.81 -13.99
N GLN A 184 -37.64 -10.54 -13.78
CA GLN A 184 -38.61 -9.47 -13.95
C GLN A 184 -39.14 -9.44 -15.37
N ALA A 185 -38.29 -9.75 -16.35
CA ALA A 185 -38.72 -9.78 -17.73
C ALA A 185 -39.78 -10.85 -17.98
N LEU A 186 -39.65 -12.01 -17.32
CA LEU A 186 -40.66 -13.06 -17.39
C LEU A 186 -41.76 -12.91 -16.36
N GLY A 187 -41.82 -11.79 -15.66
CA GLY A 187 -42.90 -11.53 -14.73
C GLY A 187 -42.85 -12.36 -13.47
N LEU A 188 -41.65 -12.63 -12.95
CA LEU A 188 -41.50 -13.37 -11.70
C LEU A 188 -41.19 -12.35 -10.61
N ARG A 189 -42.24 -11.76 -10.06
CA ARG A 189 -42.12 -10.72 -9.05
C ARG A 189 -41.51 -11.22 -7.75
N ASP A 190 -41.37 -12.53 -7.57
CA ASP A 190 -40.90 -13.08 -6.30
C ASP A 190 -39.39 -13.34 -6.27
N VAL A 191 -38.70 -13.28 -7.40
CA VAL A 191 -37.25 -13.48 -7.43
C VAL A 191 -36.56 -12.14 -7.19
N HIS A 192 -35.68 -12.11 -6.18
CA HIS A 192 -35.02 -10.88 -5.79
C HIS A 192 -33.54 -11.12 -5.57
N LEU A 193 -32.80 -10.02 -5.59
CA LEU A 193 -31.35 -10.07 -5.46
C LEU A 193 -30.99 -10.10 -3.98
N ALA A 194 -30.13 -11.05 -3.59
CA ALA A 194 -29.60 -11.10 -2.23
C ALA A 194 -28.15 -10.65 -2.25
N LEU A 195 -27.78 -9.79 -1.30
CA LEU A 195 -26.48 -9.13 -1.23
C LEU A 195 -25.86 -9.36 0.14
N SER A 196 -24.68 -9.95 0.17
CA SER A 196 -23.81 -9.81 1.32
C SER A 196 -22.87 -8.64 1.05
N GLU A 197 -21.81 -8.51 1.84
CA GLU A 197 -20.84 -7.46 1.59
C GLU A 197 -19.86 -7.80 0.48
N ASP A 198 -19.82 -9.06 0.02
CA ASP A 198 -18.91 -9.45 -1.07
C ASP A 198 -19.49 -10.48 -2.03
N HIS A 199 -20.77 -10.84 -1.93
CA HIS A 199 -21.33 -11.91 -2.76
C HIS A 199 -22.80 -11.63 -3.06
N ALA A 200 -23.31 -12.28 -4.11
CA ALA A 200 -24.70 -12.10 -4.53
C ALA A 200 -25.30 -13.43 -4.93
N TRP A 201 -26.61 -13.57 -4.68
CA TRP A 201 -27.38 -14.74 -5.09
C TRP A 201 -28.83 -14.30 -5.23
N VAL A 202 -29.75 -15.25 -5.37
CA VAL A 202 -31.17 -14.92 -5.45
C VAL A 202 -31.92 -15.55 -4.29
N VAL A 203 -32.97 -14.85 -3.84
CA VAL A 203 -33.96 -15.39 -2.92
C VAL A 203 -35.30 -15.35 -3.63
N PHE A 204 -36.18 -16.28 -3.26
CA PHE A 204 -37.49 -16.38 -3.89
C PHE A 204 -38.42 -17.14 -2.95
N GLY A 205 -39.67 -17.32 -3.38
CA GLY A 205 -40.66 -17.99 -2.58
C GLY A 205 -41.65 -17.01 -1.95
N PRO A 206 -42.63 -17.55 -1.22
CA PRO A 206 -43.71 -16.70 -0.67
C PRO A 206 -43.24 -15.50 0.14
N ASN A 207 -42.10 -15.59 0.81
CA ASN A 207 -41.58 -14.46 1.56
C ASN A 207 -40.05 -14.51 1.58
N GLY A 208 -39.46 -14.71 0.40
CA GLY A 208 -38.02 -14.69 0.25
C GLY A 208 -37.28 -15.75 1.04
N GLU A 209 -37.89 -16.93 1.22
CA GLU A 209 -37.31 -17.90 2.13
C GLU A 209 -36.42 -18.95 1.44
N GLN A 210 -36.67 -19.32 0.18
CA GLN A 210 -35.69 -20.11 -0.55
C GLN A 210 -34.56 -19.26 -1.11
N THR A 211 -33.41 -19.91 -1.26
CA THR A 211 -32.19 -19.31 -1.77
C THR A 211 -31.59 -20.22 -2.82
N ALA A 212 -30.90 -19.61 -3.78
CA ALA A 212 -30.18 -20.36 -4.80
C ALA A 212 -28.93 -19.58 -5.21
N GLU A 213 -27.79 -20.26 -5.21
CA GLU A 213 -26.59 -19.69 -5.80
C GLU A 213 -26.72 -19.67 -7.32
N VAL A 214 -26.39 -18.54 -7.93
CA VAL A 214 -26.47 -18.37 -9.37
C VAL A 214 -25.17 -17.91 -10.00
N THR A 215 -24.12 -17.64 -9.20
CA THR A 215 -22.87 -17.18 -9.77
C THR A 215 -21.71 -17.80 -9.00
N TRP A 216 -20.50 -17.55 -9.47
CA TRP A 216 -19.31 -18.03 -8.77
C TRP A 216 -18.92 -17.02 -7.71
N HIS A 217 -17.98 -17.41 -6.86
CA HIS A 217 -17.35 -16.45 -5.97
C HIS A 217 -15.87 -16.76 -5.82
N GLY A 218 -15.05 -15.72 -5.79
CA GLY A 218 -13.63 -15.88 -5.57
C GLY A 218 -12.84 -15.88 -6.86
N LYS A 219 -11.53 -15.74 -6.71
CA LYS A 219 -10.62 -15.72 -7.84
C LYS A 219 -10.55 -17.11 -8.47
N ASP A 223 -17.61 -22.86 -8.34
CA ASP A 223 -18.93 -22.30 -8.05
C ASP A 223 -19.84 -23.34 -7.35
N ARG A 224 -20.83 -22.83 -6.63
CA ARG A 224 -21.82 -23.66 -5.95
C ARG A 224 -23.21 -23.44 -6.54
N ARG A 225 -23.28 -23.21 -7.84
CA ARG A 225 -24.55 -22.86 -8.47
C ARG A 225 -25.58 -23.95 -8.26
N GLY A 226 -26.81 -23.53 -7.97
CA GLY A 226 -27.90 -24.44 -7.69
C GLY A 226 -28.09 -24.77 -6.23
N GLN A 227 -27.05 -24.65 -5.41
CA GLN A 227 -27.18 -24.96 -4.00
C GLN A 227 -27.86 -23.80 -3.26
N THR A 228 -28.32 -24.10 -2.04
CA THR A 228 -28.77 -23.05 -1.14
C THR A 228 -27.56 -22.41 -0.48
N VAL A 229 -27.78 -21.33 0.29
CA VAL A 229 -26.70 -20.73 1.07
C VAL A 229 -26.75 -21.16 2.54
N ASN A 230 -27.57 -22.17 2.86
CA ASN A 230 -27.71 -22.60 4.25
C ASN A 230 -26.37 -22.98 4.85
N ALA A 231 -25.55 -23.74 4.10
CA ALA A 231 -24.26 -24.17 4.63
C ALA A 231 -23.36 -22.98 4.95
N GLY A 232 -23.37 -21.95 4.10
CA GLY A 232 -22.53 -20.80 4.35
C GLY A 232 -23.01 -19.96 5.52
N VAL A 233 -24.33 -19.86 5.69
CA VAL A 233 -24.89 -19.17 6.85
C VAL A 233 -24.55 -19.93 8.13
N ALA A 234 -24.67 -21.26 8.10
CA ALA A 234 -24.28 -22.07 9.25
C ALA A 234 -22.78 -22.03 9.49
N GLU A 235 -21.99 -21.74 8.44
CA GLU A 235 -20.54 -21.66 8.54
C GLU A 235 -20.07 -20.46 9.36
N ARG A 236 -20.94 -19.47 9.57
CA ARG A 236 -20.59 -18.20 10.22
C ARG A 236 -19.41 -17.51 9.54
N SER A 237 -19.26 -17.75 8.24
CA SER A 237 -18.29 -17.00 7.44
C SER A 237 -18.81 -15.59 7.15
N TRP A 238 -17.87 -14.66 6.96
CA TRP A 238 -18.27 -13.30 6.63
C TRP A 238 -19.00 -13.21 5.29
N LEU A 239 -18.71 -14.13 4.37
CA LEU A 239 -19.31 -14.08 3.04
C LEU A 239 -20.84 -14.13 3.09
N TYR A 240 -21.40 -14.82 4.09
CA TYR A 240 -22.85 -14.95 4.21
C TYR A 240 -23.41 -14.24 5.43
N LEU A 241 -22.56 -13.48 6.15
CA LEU A 241 -23.00 -12.56 7.21
C LEU A 241 -23.89 -13.23 8.24
N LYS A 242 -23.67 -14.52 8.47
CA LYS A 242 -24.49 -15.32 9.38
C LYS A 242 -25.98 -15.16 9.11
N GLY A 243 -26.36 -14.96 7.85
CA GLY A 243 -27.75 -14.77 7.52
C GLY A 243 -28.22 -13.33 7.58
N SER A 244 -27.39 -12.40 8.00
CA SER A 244 -27.77 -10.99 8.07
C SER A 244 -27.43 -10.24 6.80
N TYR A 245 -27.79 -10.82 5.64
CA TYR A 245 -27.55 -10.20 4.35
C TYR A 245 -28.78 -9.40 3.92
N MET A 246 -28.63 -8.66 2.83
CA MET A 246 -29.71 -7.81 2.32
C MET A 246 -30.56 -8.58 1.32
N ARG A 247 -31.87 -8.60 1.58
CA ARG A 247 -32.87 -9.11 0.64
C ARG A 247 -33.47 -7.89 -0.05
N CYS A 248 -33.06 -7.67 -1.29
CA CYS A 248 -33.43 -6.46 -2.02
C CYS A 248 -34.90 -6.52 -2.45
N ASP A 249 -35.58 -5.37 -2.35
CA ASP A 249 -36.77 -5.13 -3.15
C ASP A 249 -36.35 -4.54 -4.48
N ARG A 250 -37.31 -4.37 -5.40
CA ARG A 250 -36.95 -3.83 -6.71
C ARG A 250 -36.28 -2.46 -6.60
N LYS A 251 -36.60 -1.69 -5.57
CA LYS A 251 -36.01 -0.35 -5.43
C LYS A 251 -34.55 -0.44 -5.01
N MET A 252 -34.21 -1.35 -4.11
CA MET A 252 -32.81 -1.53 -3.74
C MET A 252 -32.03 -2.20 -4.87
N GLU A 253 -32.70 -2.95 -5.75
CA GLU A 253 -32.01 -3.51 -6.90
C GLU A 253 -31.57 -2.40 -7.85
N VAL A 254 -32.36 -1.33 -7.97
CA VAL A 254 -31.91 -0.14 -8.68
C VAL A 254 -30.73 0.49 -7.97
N ALA A 255 -30.81 0.64 -6.64
CA ALA A 255 -29.69 1.18 -5.89
C ALA A 255 -28.41 0.38 -6.12
N PHE A 256 -28.55 -0.93 -6.32
CA PHE A 256 -27.38 -1.77 -6.55
C PHE A 256 -26.72 -1.43 -7.88
N MET A 257 -27.50 -1.29 -8.95
CA MET A 257 -26.88 -1.01 -10.24
C MET A 257 -26.27 0.39 -10.26
N VAL A 258 -26.79 1.31 -9.44
CA VAL A 258 -26.17 2.62 -9.27
C VAL A 258 -24.83 2.49 -8.54
N CYS A 259 -24.81 1.77 -7.42
CA CYS A 259 -23.54 1.50 -6.76
C CYS A 259 -22.56 0.81 -7.70
N ALA A 260 -23.08 0.02 -8.65
CA ALA A 260 -22.22 -0.76 -9.54
C ALA A 260 -21.60 0.07 -10.65
N ILE A 261 -22.05 1.32 -10.85
CA ILE A 261 -21.41 2.21 -11.82
C ILE A 261 -19.91 2.26 -11.53
N ASN A 262 -19.10 2.01 -12.56
CA ASN A 262 -17.65 2.08 -12.41
C ASN A 262 -17.08 3.26 -13.20
N PRO A 263 -16.68 4.34 -12.53
CA PRO A 263 -16.14 5.50 -13.24
C PRO A 263 -14.70 5.36 -13.71
N SER A 264 -14.00 4.27 -13.37
CA SER A 264 -12.58 4.15 -13.71
C SER A 264 -12.36 4.12 -15.23
N ILE A 265 -11.59 5.09 -15.71
CA ILE A 265 -11.08 5.03 -17.08
C ILE A 265 -9.84 4.16 -17.12
N ASP A 266 -8.89 4.41 -16.22
CA ASP A 266 -7.79 3.51 -15.92
C ASP A 266 -7.53 3.60 -14.41
N LEU A 267 -6.40 3.07 -13.95
CA LEU A 267 -6.14 3.00 -12.51
C LEU A 267 -5.94 4.37 -11.89
N HIS A 268 -5.45 5.35 -12.65
CA HIS A 268 -5.17 6.67 -12.11
C HIS A 268 -6.20 7.71 -12.53
N THR A 269 -7.25 7.33 -13.24
CA THR A 269 -8.17 8.28 -13.84
C THR A 269 -9.60 7.77 -13.71
N ASP A 270 -10.45 8.58 -13.10
CA ASP A 270 -11.89 8.35 -13.07
C ASP A 270 -12.58 9.34 -14.01
N SER A 271 -13.72 8.92 -14.55
CA SER A 271 -14.54 9.80 -15.34
C SER A 271 -15.36 10.69 -14.42
N LEU A 272 -15.16 12.02 -14.52
CA LEU A 272 -15.94 12.93 -13.70
C LEU A 272 -17.42 12.84 -13.98
N GLU A 273 -17.79 12.53 -15.24
CA GLU A 273 -19.20 12.41 -15.57
C GLU A 273 -19.84 11.24 -14.85
N LEU A 274 -19.15 10.10 -14.79
CA LEU A 274 -19.74 8.92 -14.15
C LEU A 274 -19.79 9.07 -12.64
N LEU A 275 -18.80 9.74 -12.04
CA LEU A 275 -18.87 10.04 -10.61
C LEU A 275 -20.07 10.94 -10.31
N GLN A 276 -20.23 12.01 -11.11
CA GLN A 276 -21.36 12.91 -10.93
C GLN A 276 -22.69 12.20 -11.12
N LEU A 277 -22.78 11.31 -12.12
CA LEU A 277 -24.02 10.59 -12.37
C LEU A 277 -24.37 9.69 -11.19
N GLN A 278 -23.40 8.88 -10.75
CA GLN A 278 -23.62 8.02 -9.60
C GLN A 278 -24.06 8.83 -8.38
N GLN A 279 -23.43 9.98 -8.16
CA GLN A 279 -23.74 10.81 -7.00
C GLN A 279 -25.16 11.36 -7.06
N LYS A 280 -25.57 11.92 -8.21
CA LYS A 280 -26.94 12.44 -8.29
C LYS A 280 -27.95 11.32 -8.20
N LEU A 281 -27.65 10.15 -8.76
CA LEU A 281 -28.58 9.03 -8.69
C LEU A 281 -28.75 8.54 -7.25
N LEU A 282 -27.65 8.45 -6.49
CA LEU A 282 -27.77 8.02 -5.10
C LEU A 282 -28.56 9.02 -4.27
N TRP A 283 -28.38 10.33 -4.53
CA TRP A 283 -29.20 11.30 -3.82
C TRP A 283 -30.67 11.14 -4.16
N LEU A 284 -30.99 10.87 -5.42
CA LEU A 284 -32.37 10.60 -5.82
C LEU A 284 -32.93 9.41 -5.04
N LEU A 285 -32.15 8.33 -4.96
CA LEU A 285 -32.57 7.15 -4.19
C LEU A 285 -32.66 7.47 -2.71
N TYR A 286 -31.73 8.27 -2.20
CA TYR A 286 -31.76 8.67 -0.80
C TYR A 286 -33.06 9.40 -0.47
N ASP A 287 -33.45 10.34 -1.33
CA ASP A 287 -34.63 11.16 -1.04
C ASP A 287 -35.91 10.34 -1.07
N LEU A 288 -35.95 9.28 -1.87
CA LEU A 288 -37.11 8.42 -1.94
C LEU A 288 -37.13 7.37 -0.83
N GLY A 289 -36.08 7.33 0.00
CA GLY A 289 -36.00 6.40 1.10
C GLY A 289 -35.46 5.03 0.76
N HIS A 290 -34.83 4.87 -0.40
CA HIS A 290 -34.43 3.54 -0.85
C HIS A 290 -33.03 3.15 -0.40
N LEU A 291 -32.33 4.00 0.34
CA LEU A 291 -31.05 3.63 0.91
C LEU A 291 -31.13 3.34 2.40
N GLU A 292 -32.34 3.39 2.98
CA GLU A 292 -32.52 3.21 4.41
C GLU A 292 -32.00 1.85 4.89
N ARG A 293 -32.11 0.82 4.06
CA ARG A 293 -31.68 -0.53 4.40
C ARG A 293 -30.41 -0.93 3.64
N TYR A 294 -29.62 0.05 3.23
CA TYR A 294 -28.49 -0.17 2.33
C TYR A 294 -27.26 0.55 2.87
N PRO A 295 -26.62 0.00 3.92
CA PRO A 295 -25.50 0.72 4.55
C PRO A 295 -24.36 1.05 3.60
N MET A 296 -23.97 0.10 2.74
CA MET A 296 -22.86 0.32 1.82
C MET A 296 -23.15 1.47 0.87
N ALA A 297 -24.41 1.61 0.44
CA ALA A 297 -24.74 2.71 -0.47
C ALA A 297 -24.66 4.05 0.25
N LEU A 298 -25.10 4.10 1.50
CA LEU A 298 -24.89 5.32 2.29
C LEU A 298 -23.42 5.65 2.41
N GLY A 299 -22.58 4.64 2.66
CA GLY A 299 -21.14 4.87 2.72
C GLY A 299 -20.55 5.32 1.40
N ASN A 300 -21.04 4.76 0.30
CA ASN A 300 -20.60 5.22 -1.01
C ASN A 300 -21.00 6.67 -1.25
N LEU A 301 -22.22 7.05 -0.86
CA LEU A 301 -22.64 8.44 -1.04
C LEU A 301 -21.77 9.38 -0.24
N ALA A 302 -21.51 9.03 1.02
CA ALA A 302 -20.67 9.87 1.88
C ALA A 302 -19.29 10.04 1.28
N ASP A 303 -18.70 8.97 0.73
CA ASP A 303 -17.38 9.08 0.11
C ASP A 303 -17.41 10.04 -1.08
N LEU A 304 -18.46 9.96 -1.89
CA LEU A 304 -18.61 10.92 -2.99
C LEU A 304 -18.77 12.33 -2.46
N GLU A 305 -19.55 12.49 -1.39
CA GLU A 305 -19.78 13.82 -0.82
C GLU A 305 -18.48 14.41 -0.25
N GLU A 306 -17.59 13.55 0.24
CA GLU A 306 -16.31 14.03 0.78
C GLU A 306 -15.49 14.74 -0.28
N LEU A 307 -15.53 14.25 -1.53
CA LEU A 307 -14.77 14.90 -2.60
C LEU A 307 -15.54 16.00 -3.30
N GLU A 308 -16.87 15.90 -3.39
CA GLU A 308 -17.70 16.87 -4.09
C GLU A 308 -18.94 17.17 -3.26
N PRO A 309 -18.82 18.03 -2.24
CA PRO A 309 -19.98 18.34 -1.41
C PRO A 309 -21.10 18.96 -2.24
N THR A 310 -22.33 18.51 -1.96
CA THR A 310 -23.51 19.14 -2.53
C THR A 310 -24.09 20.11 -1.52
N PRO A 311 -24.23 21.40 -1.84
CA PRO A 311 -24.75 22.35 -0.85
C PRO A 311 -26.18 22.03 -0.48
N GLY A 312 -26.48 22.13 0.81
CA GLY A 312 -27.78 21.81 1.34
C GLY A 312 -27.99 20.37 1.75
N ARG A 313 -26.96 19.53 1.64
CA ARG A 313 -27.05 18.11 1.96
C ARG A 313 -26.34 17.79 3.26
N PRO A 314 -26.68 16.67 3.90
CA PRO A 314 -25.95 16.24 5.09
C PRO A 314 -24.49 16.01 4.78
N ASP A 315 -23.62 16.38 5.73
CA ASP A 315 -22.19 16.23 5.54
C ASP A 315 -21.83 14.74 5.61
N PRO A 316 -20.64 14.36 5.12
CA PRO A 316 -20.29 12.93 5.10
C PRO A 316 -20.44 12.23 6.43
N LEU A 317 -20.03 12.85 7.55
CA LEU A 317 -20.08 12.16 8.83
C LEU A 317 -21.51 11.74 9.18
N THR A 318 -22.48 12.62 8.93
CA THR A 318 -23.88 12.24 9.11
C THR A 318 -24.22 10.99 8.30
N LEU A 319 -23.72 10.91 7.07
CA LEU A 319 -24.10 9.79 6.22
C LEU A 319 -23.40 8.50 6.67
N TYR A 320 -22.15 8.60 7.12
CA TYR A 320 -21.47 7.42 7.66
C TYR A 320 -22.22 6.89 8.87
N HIS A 321 -22.60 7.77 9.79
CA HIS A 321 -23.34 7.32 10.95
C HIS A 321 -24.72 6.80 10.57
N LYS A 322 -25.28 7.26 9.45
CA LYS A 322 -26.53 6.71 8.96
C LYS A 322 -26.35 5.26 8.53
N GLY A 323 -25.26 4.96 7.82
CA GLY A 323 -25.01 3.59 7.40
C GLY A 323 -24.79 2.65 8.57
N ILE A 324 -24.08 3.12 9.60
CA ILE A 324 -23.88 2.33 10.80
C ILE A 324 -25.21 2.08 11.50
N ALA A 325 -26.04 3.12 11.63
CA ALA A 325 -27.35 2.94 12.25
C ALA A 325 -28.22 2.00 11.42
N SER A 326 -28.04 2.02 10.10
CA SER A 326 -28.79 1.10 9.25
C SER A 326 -28.36 -0.34 9.48
N ALA A 327 -27.04 -0.56 9.59
CA ALA A 327 -26.56 -1.91 9.86
C ALA A 327 -27.01 -2.40 11.24
N LYS A 328 -27.03 -1.50 12.24
CA LYS A 328 -27.51 -1.88 13.57
C LYS A 328 -29.00 -2.16 13.56
N THR A 329 -29.77 -1.39 12.78
CA THR A 329 -31.22 -1.53 12.80
C THR A 329 -31.70 -2.77 12.09
N TYR A 330 -31.16 -3.03 10.89
CA TYR A 330 -31.73 -4.01 9.98
C TYR A 330 -30.91 -5.27 9.82
N TYR A 331 -29.63 -5.25 10.18
CA TYR A 331 -28.77 -6.41 9.98
C TYR A 331 -28.05 -6.75 11.29
N ARG A 332 -28.69 -6.39 12.39
CA ARG A 332 -28.29 -6.62 13.77
C ARG A 332 -26.78 -6.45 13.99
N ASP A 333 -26.24 -5.39 13.39
CA ASP A 333 -24.86 -4.96 13.64
C ASP A 333 -23.85 -6.02 13.27
N GLU A 334 -24.11 -6.78 12.21
CA GLU A 334 -23.17 -7.80 11.79
C GLU A 334 -22.49 -7.47 10.48
N HIS A 335 -22.51 -6.21 10.05
CA HIS A 335 -21.77 -5.78 8.88
C HIS A 335 -20.43 -5.17 9.30
N ILE A 336 -19.44 -5.32 8.43
CA ILE A 336 -18.09 -4.84 8.68
C ILE A 336 -17.84 -3.48 8.06
N TYR A 337 -18.28 -3.27 6.82
CA TYR A 337 -17.94 -2.05 6.10
C TYR A 337 -18.47 -0.75 6.72
N PRO A 338 -19.65 -0.68 7.35
CA PRO A 338 -20.07 0.62 7.91
C PRO A 338 -19.01 1.26 8.79
N TYR A 339 -18.28 0.45 9.55
CA TYR A 339 -17.23 0.99 10.40
C TYR A 339 -15.96 1.34 9.64
N MET A 340 -15.59 0.56 8.62
CA MET A 340 -14.39 0.98 7.89
C MET A 340 -14.64 2.21 7.02
N TYR A 341 -15.86 2.40 6.53
CA TYR A 341 -16.22 3.67 5.89
C TYR A 341 -15.89 4.85 6.81
N LEU A 342 -16.44 4.81 8.02
CA LEU A 342 -16.27 5.89 8.98
C LEU A 342 -14.80 6.03 9.40
N ALA A 343 -14.14 4.91 9.67
CA ALA A 343 -12.74 4.97 10.10
C ALA A 343 -11.85 5.58 9.01
N GLY A 344 -12.12 5.24 7.74
CA GLY A 344 -11.34 5.82 6.65
C GLY A 344 -11.49 7.32 6.56
N TYR A 345 -12.71 7.83 6.75
CA TYR A 345 -12.93 9.28 6.72
C TYR A 345 -12.16 9.97 7.84
N HIS A 346 -12.22 9.42 9.05
CA HIS A 346 -11.50 10.03 10.17
C HIS A 346 -10.00 9.99 9.94
N CYS A 347 -9.51 8.91 9.32
CA CYS A 347 -8.08 8.79 9.05
CA CYS A 347 -8.08 8.79 9.05
C CYS A 347 -7.62 9.86 8.07
N ARG A 348 -8.34 10.00 6.94
CA ARG A 348 -8.01 11.04 5.96
C ARG A 348 -8.12 12.46 6.54
N ASN A 349 -8.92 12.66 7.58
CA ASN A 349 -9.08 13.97 8.19
C ASN A 349 -8.24 14.13 9.46
N ARG A 350 -7.31 13.21 9.71
CA ARG A 350 -6.34 13.34 10.80
C ARG A 350 -7.03 13.35 12.17
N ASN A 351 -8.16 12.65 12.28
CA ASN A 351 -8.87 12.47 13.55
C ASN A 351 -8.42 11.11 14.09
N VAL A 352 -7.26 11.11 14.76
CA VAL A 352 -6.60 9.86 15.11
C VAL A 352 -7.42 9.07 16.13
N ARG A 353 -7.84 9.75 17.20
CA ARG A 353 -8.69 9.12 18.22
C ARG A 353 -9.90 8.44 17.60
N GLU A 354 -10.66 9.19 16.79
CA GLU A 354 -11.89 8.66 16.21
C GLU A 354 -11.61 7.56 15.18
N ALA A 355 -10.50 7.67 14.45
CA ALA A 355 -10.18 6.61 13.49
C ALA A 355 -9.81 5.32 14.19
N LEU A 356 -9.01 5.41 15.26
CA LEU A 356 -8.65 4.21 16.01
C LEU A 356 -9.88 3.59 16.66
N GLN A 357 -10.77 4.42 17.17
CA GLN A 357 -11.95 3.89 17.84
C GLN A 357 -12.84 3.14 16.85
N ALA A 358 -12.97 3.66 15.62
CA ALA A 358 -13.81 3.03 14.62
C ALA A 358 -13.20 1.74 14.06
N TRP A 359 -11.88 1.64 13.99
CA TRP A 359 -11.27 0.37 13.64
C TRP A 359 -11.36 -0.65 14.76
N ALA A 360 -11.35 -0.18 16.02
CA ALA A 360 -11.64 -1.10 17.12
C ALA A 360 -13.06 -1.64 17.01
N ASP A 361 -14.04 -0.76 16.75
CA ASP A 361 -15.41 -1.24 16.56
C ASP A 361 -15.54 -2.16 15.37
N THR A 362 -14.73 -1.95 14.32
CA THR A 362 -14.73 -2.87 13.18
C THR A 362 -14.27 -4.26 13.61
N ALA A 363 -13.15 -4.32 14.34
CA ALA A 363 -12.64 -5.59 14.84
C ALA A 363 -13.61 -6.23 15.81
N THR A 364 -14.44 -5.42 16.46
CA THR A 364 -15.41 -5.95 17.42
C THR A 364 -16.54 -6.69 16.71
N VAL A 365 -16.84 -6.30 15.48
CA VAL A 365 -17.84 -7.05 14.71
C VAL A 365 -17.23 -8.32 14.13
N ILE A 366 -16.01 -8.25 13.60
CA ILE A 366 -15.42 -9.43 12.96
C ILE A 366 -15.07 -10.52 13.97
N GLN A 367 -14.92 -10.18 15.25
CA GLN A 367 -14.43 -11.19 16.19
C GLN A 367 -15.44 -12.30 16.42
N ASP A 368 -16.69 -12.10 16.03
CA ASP A 368 -17.74 -13.09 16.21
C ASP A 368 -17.96 -13.91 14.94
N TYR A 369 -17.08 -13.78 13.95
CA TYR A 369 -17.10 -14.55 12.72
C TYR A 369 -16.01 -15.61 12.75
N ASN A 370 -16.14 -16.60 11.85
CA ASN A 370 -15.09 -17.56 11.60
C ASN A 370 -14.43 -17.23 10.26
N TYR A 371 -13.11 -17.09 10.26
CA TYR A 371 -12.39 -16.78 9.03
C TYR A 371 -12.37 -18.01 8.14
N CYS A 372 -13.05 -17.95 6.99
CA CYS A 372 -13.29 -19.10 6.15
C CYS A 372 -12.66 -18.91 4.77
N ARG A 373 -12.89 -19.90 3.90
CA ARG A 373 -12.16 -20.01 2.63
C ARG A 373 -12.33 -18.77 1.76
N GLU A 374 -13.56 -18.29 1.60
CA GLU A 374 -13.87 -17.25 0.63
C GLU A 374 -13.99 -15.86 1.24
N ASP A 375 -13.46 -15.64 2.44
CA ASP A 375 -13.51 -14.35 3.11
C ASP A 375 -12.32 -13.46 2.79
N GLU A 376 -11.57 -13.77 1.72
CA GLU A 376 -10.30 -13.10 1.46
C GLU A 376 -10.43 -11.60 1.27
N GLU A 377 -11.58 -11.13 0.75
CA GLU A 377 -11.77 -9.69 0.55
C GLU A 377 -11.67 -8.91 1.86
N ILE A 378 -12.37 -9.38 2.90
CA ILE A 378 -12.34 -8.62 4.15
C ILE A 378 -11.00 -8.80 4.84
N TYR A 379 -10.35 -9.96 4.67
CA TYR A 379 -8.99 -10.12 5.16
C TYR A 379 -8.07 -9.07 4.54
N LYS A 380 -8.18 -8.90 3.21
CA LYS A 380 -7.35 -7.91 2.53
C LYS A 380 -7.54 -6.52 3.11
N GLU A 381 -8.77 -6.18 3.49
CA GLU A 381 -9.04 -4.85 4.00
C GLU A 381 -8.46 -4.68 5.41
N PHE A 382 -8.66 -5.68 6.28
CA PHE A 382 -8.01 -5.67 7.59
C PHE A 382 -6.48 -5.67 7.47
N PHE A 383 -5.94 -6.46 6.53
CA PHE A 383 -4.49 -6.43 6.32
C PHE A 383 -4.01 -5.00 6.02
N GLU A 384 -4.67 -4.32 5.09
CA GLU A 384 -4.24 -2.97 4.73
C GLU A 384 -4.35 -2.01 5.91
N VAL A 385 -5.39 -2.16 6.72
CA VAL A 385 -5.55 -1.30 7.91
C VAL A 385 -4.39 -1.52 8.88
N ALA A 386 -4.15 -2.78 9.27
CA ALA A 386 -3.15 -3.07 10.30
C ALA A 386 -1.74 -2.77 9.81
N ASN A 387 -1.45 -3.08 8.54
CA ASN A 387 -0.09 -3.04 8.01
C ASN A 387 0.17 -1.88 7.07
N ASP A 388 -0.76 -0.94 6.92
CA ASP A 388 -0.47 0.25 6.12
C ASP A 388 -1.17 1.48 6.69
N VAL A 389 -2.48 1.40 6.89
CA VAL A 389 -3.24 2.60 7.24
C VAL A 389 -2.93 3.05 8.67
N ILE A 390 -3.06 2.15 9.65
CA ILE A 390 -2.71 2.53 11.03
C ILE A 390 -1.25 2.96 11.14
N PRO A 391 -0.26 2.20 10.64
CA PRO A 391 1.12 2.71 10.69
C PRO A 391 1.27 4.12 10.13
N ASN A 392 0.63 4.41 9.01
CA ASN A 392 0.70 5.75 8.44
C ASN A 392 0.02 6.78 9.34
N LEU A 393 -1.12 6.41 9.93
CA LEU A 393 -1.83 7.34 10.79
C LEU A 393 -1.00 7.71 12.01
N LEU A 394 -0.34 6.71 12.62
CA LEU A 394 0.47 6.96 13.80
C LEU A 394 1.73 7.75 13.45
N LYS A 395 2.34 7.46 12.29
CA LYS A 395 3.48 8.25 11.83
C LYS A 395 3.10 9.72 11.66
N GLU A 396 1.97 9.95 11.00
CA GLU A 396 1.41 11.29 10.87
C GLU A 396 1.28 11.97 12.23
N ALA A 397 0.77 11.23 13.21
CA ALA A 397 0.56 11.81 14.54
C ALA A 397 1.89 12.12 15.22
N ALA A 398 2.90 11.28 14.99
CA ALA A 398 4.20 11.51 15.60
C ALA A 398 4.87 12.75 15.03
N SER A 399 4.58 13.08 13.77
CA SER A 399 5.17 14.29 13.19
C SER A 399 4.60 15.55 13.82
N LEU A 400 3.35 15.51 14.28
CA LEU A 400 2.83 16.62 15.08
C LEU A 400 3.49 16.67 16.46
N LEU A 401 3.57 15.52 17.13
CA LEU A 401 4.22 15.42 18.45
C LEU A 401 5.62 16.01 18.47
N GLU A 402 6.48 15.57 17.55
CA GLU A 402 7.86 16.04 17.53
C GLU A 402 7.93 17.57 17.42
N GLY A 419 -4.61 17.68 23.24
CA GLY A 419 -3.36 16.94 23.24
C GLY A 419 -3.19 16.05 22.02
N SER A 420 -2.15 15.22 22.04
CA SER A 420 -1.84 14.35 20.91
C SER A 420 -2.26 12.92 21.20
N ALA A 421 -2.66 12.22 20.13
CA ALA A 421 -3.21 10.88 20.26
C ALA A 421 -2.19 9.91 20.83
N LEU A 422 -0.91 10.06 20.48
CA LEU A 422 0.12 9.15 20.96
C LEU A 422 0.36 9.25 22.46
N GLN A 423 -0.13 10.30 23.12
CA GLN A 423 0.02 10.48 24.56
C GLN A 423 -1.26 10.08 25.30
N ASP A 424 -2.23 9.52 24.60
CA ASP A 424 -3.54 9.18 25.12
C ASP A 424 -3.64 7.67 25.30
N PRO A 425 -3.62 7.15 26.52
CA PRO A 425 -3.84 5.71 26.73
C PRO A 425 -5.11 5.18 26.06
N GLU A 426 -6.14 6.01 25.89
CA GLU A 426 -7.33 5.55 25.17
C GLU A 426 -7.00 5.12 23.75
N CYS A 427 -6.11 5.85 23.10
CA CYS A 427 -5.75 5.52 21.73
C CYS A 427 -4.98 4.21 21.65
N PHE A 428 -4.06 4.00 22.60
CA PHE A 428 -3.36 2.73 22.71
C PHE A 428 -4.33 1.58 22.98
N ALA A 429 -5.30 1.79 23.88
CA ALA A 429 -6.29 0.76 24.15
C ALA A 429 -7.10 0.41 22.90
N HIS A 430 -7.44 1.41 22.09
CA HIS A 430 -8.16 1.16 20.85
C HIS A 430 -7.33 0.33 19.88
N LEU A 431 -6.03 0.62 19.81
CA LEU A 431 -5.12 -0.19 19.01
C LEU A 431 -5.11 -1.64 19.48
N LEU A 432 -5.02 -1.86 20.80
CA LEU A 432 -5.01 -3.23 21.29
C LEU A 432 -6.35 -3.92 21.06
N ARG A 433 -7.45 -3.17 21.17
CA ARG A 433 -8.76 -3.78 20.95
C ARG A 433 -8.91 -4.23 19.50
N PHE A 434 -8.36 -3.46 18.56
CA PHE A 434 -8.37 -3.84 17.15
C PHE A 434 -7.66 -5.17 16.95
N TYR A 435 -6.46 -5.31 17.50
CA TYR A 435 -5.73 -6.57 17.38
C TYR A 435 -6.43 -7.69 18.13
N ASP A 436 -7.03 -7.39 19.28
CA ASP A 436 -7.74 -8.44 20.02
C ASP A 436 -8.90 -9.01 19.21
N GLY A 437 -9.65 -8.16 18.51
CA GLY A 437 -10.72 -8.67 17.67
C GLY A 437 -10.21 -9.54 16.54
N ILE A 438 -9.08 -9.15 15.94
CA ILE A 438 -8.50 -9.95 14.86
C ILE A 438 -8.06 -11.31 15.40
N CYS A 439 -7.46 -11.33 16.58
CA CYS A 439 -7.04 -12.61 17.16
C CYS A 439 -8.23 -13.49 17.50
N LYS A 440 -9.29 -12.91 18.08
CA LYS A 440 -10.50 -13.68 18.37
C LYS A 440 -11.13 -14.20 17.08
N TRP A 441 -11.14 -13.39 16.02
CA TRP A 441 -11.60 -13.82 14.71
C TRP A 441 -10.87 -15.07 14.26
N GLU A 442 -9.54 -15.05 14.35
CA GLU A 442 -8.73 -16.20 13.96
C GLU A 442 -8.99 -17.42 14.84
N GLU A 443 -9.18 -17.20 16.14
CA GLU A 443 -9.36 -18.28 17.10
C GLU A 443 -10.44 -19.24 16.65
N GLY A 444 -10.05 -20.51 16.49
CA GLY A 444 -10.99 -21.56 16.14
C GLY A 444 -11.46 -21.55 14.70
N SER A 445 -10.90 -20.69 13.84
CA SER A 445 -11.27 -20.66 12.43
C SER A 445 -10.46 -21.68 11.64
N PRO A 446 -10.98 -22.12 10.49
CA PRO A 446 -10.23 -23.10 9.69
C PRO A 446 -9.09 -22.49 8.88
N THR A 447 -8.96 -21.17 8.86
CA THR A 447 -7.89 -20.50 8.14
C THR A 447 -7.10 -19.62 9.10
N PRO A 448 -5.77 -19.67 9.08
CA PRO A 448 -5.00 -18.72 9.88
C PRO A 448 -5.17 -17.30 9.37
N VAL A 449 -4.99 -16.34 10.27
CA VAL A 449 -5.09 -14.92 9.93
C VAL A 449 -3.74 -14.23 10.04
N LEU A 450 -3.09 -14.32 11.20
CA LEU A 450 -1.91 -13.53 11.49
C LEU A 450 -0.65 -14.24 11.02
N HIS A 451 0.23 -13.49 10.35
CA HIS A 451 1.51 -14.02 9.93
C HIS A 451 2.59 -13.03 10.33
N VAL A 452 3.84 -13.41 10.05
CA VAL A 452 5.01 -12.69 10.59
C VAL A 452 4.98 -11.22 10.17
N GLY A 453 4.47 -10.93 8.97
CA GLY A 453 4.38 -9.56 8.53
C GLY A 453 3.48 -8.71 9.40
N TRP A 454 2.37 -9.31 9.87
CA TRP A 454 1.50 -8.61 10.81
C TRP A 454 2.25 -8.25 12.09
N ALA A 455 3.15 -9.14 12.53
CA ALA A 455 3.86 -8.89 13.79
C ALA A 455 4.80 -7.70 13.66
N THR A 456 5.45 -7.56 12.51
CA THR A 456 6.36 -6.44 12.29
C THR A 456 5.66 -5.11 12.48
N PHE A 457 4.50 -4.94 11.87
CA PHE A 457 3.80 -3.67 12.00
C PHE A 457 3.20 -3.49 13.39
N LEU A 458 2.81 -4.58 14.05
CA LEU A 458 2.31 -4.44 15.41
C LEU A 458 3.40 -3.88 16.32
N VAL A 459 4.61 -4.44 16.25
CA VAL A 459 5.71 -3.95 17.07
C VAL A 459 5.99 -2.48 16.77
N GLN A 460 5.93 -2.10 15.48
CA GLN A 460 6.14 -0.70 15.11
C GLN A 460 5.05 0.20 15.70
N SER A 461 3.78 -0.20 15.59
CA SER A 461 2.70 0.64 16.09
C SER A 461 2.75 0.74 17.62
N LEU A 462 3.10 -0.35 18.31
CA LEU A 462 3.27 -0.27 19.75
C LEU A 462 4.36 0.74 20.12
N GLY A 463 5.45 0.73 19.37
CA GLY A 463 6.54 1.67 19.62
C GLY A 463 6.15 3.12 19.49
N ARG A 464 5.10 3.44 18.74
CA ARG A 464 4.63 4.82 18.61
C ARG A 464 4.09 5.36 19.93
N PHE A 465 3.75 4.51 20.88
CA PHE A 465 3.26 4.93 22.19
C PHE A 465 4.37 4.72 23.21
N GLU A 466 4.77 5.80 23.88
CA GLU A 466 5.81 5.71 24.90
C GLU A 466 5.38 4.77 26.02
N GLY A 467 6.39 4.12 26.63
CA GLY A 467 6.10 3.16 27.67
C GLY A 467 5.27 3.72 28.81
N GLN A 468 5.47 5.00 29.14
CA GLN A 468 4.70 5.58 30.23
C GLN A 468 3.22 5.70 29.89
N VAL A 469 2.90 5.91 28.60
CA VAL A 469 1.51 5.89 28.15
C VAL A 469 0.98 4.47 28.21
N ARG A 470 1.73 3.52 27.63
CA ARG A 470 1.24 2.16 27.52
C ARG A 470 1.00 1.54 28.89
N GLN A 471 1.77 1.95 29.89
CA GLN A 471 1.63 1.39 31.22
C GLN A 471 0.43 1.94 31.99
N LYS A 472 -0.31 2.87 31.42
CA LYS A 472 -1.50 3.38 32.10
C LYS A 472 -2.75 2.56 31.83
N VAL A 473 -2.76 1.73 30.80
CA VAL A 473 -3.99 0.99 30.46
C VAL A 473 -4.12 -0.20 31.39
N ARG A 474 -5.38 -0.56 31.69
CA ARG A 474 -5.73 -1.83 32.31
C ARG A 474 -6.88 -2.37 31.47
N ILE A 475 -6.62 -3.44 30.73
CA ILE A 475 -7.46 -3.93 29.65
C ILE A 475 -7.84 -5.37 29.95
N THR A 476 -9.06 -5.76 29.59
CA THR A 476 -9.45 -7.16 29.57
C THR A 476 -9.55 -7.62 28.11
N PHE A 477 -8.74 -8.60 27.74
CA PHE A 477 -8.73 -9.11 26.38
C PHE A 477 -9.70 -10.29 26.25
N GLN A 478 -10.22 -10.49 25.03
CA GLN A 478 -11.07 -11.64 24.75
C GLN A 478 -10.29 -12.81 24.14
N SER A 479 -9.28 -12.52 23.32
CA SER A 479 -8.59 -13.55 22.57
C SER A 479 -7.51 -14.19 23.42
N GLU A 480 -7.37 -15.52 23.28
CA GLU A 480 -6.30 -16.23 23.97
C GLU A 480 -4.93 -15.72 23.55
N LYS A 481 -4.79 -15.30 22.30
CA LYS A 481 -3.50 -14.83 21.81
C LYS A 481 -3.11 -13.51 22.48
N MET A 482 -4.05 -12.58 22.67
CA MET A 482 -3.67 -11.31 23.25
C MET A 482 -3.48 -11.44 24.76
N LYS A 483 -4.29 -12.28 25.44
CA LYS A 483 -4.04 -12.58 26.85
C LYS A 483 -2.64 -13.12 27.05
N GLY A 484 -2.17 -13.97 26.14
CA GLY A 484 -0.85 -14.56 26.27
C GLY A 484 0.29 -13.59 26.00
N MET A 485 0.00 -12.30 25.75
CA MET A 485 1.07 -11.31 25.83
C MET A 485 0.60 -9.99 26.42
N LYS A 486 -0.36 -9.98 27.33
CA LYS A 486 -0.83 -8.71 27.86
C LYS A 486 0.34 -7.92 28.47
N GLU A 487 1.16 -8.59 29.28
CA GLU A 487 2.25 -7.89 29.96
C GLU A 487 3.34 -7.47 28.98
N LEU A 488 3.46 -8.15 27.85
CA LEU A 488 4.49 -7.87 26.88
C LEU A 488 4.17 -6.62 26.06
N LEU A 489 2.88 -6.29 25.95
CA LEU A 489 2.42 -5.12 25.21
C LEU A 489 2.64 -3.82 25.97
N VAL A 490 2.67 -3.87 27.30
CA VAL A 490 2.75 -2.66 28.12
C VAL A 490 4.12 -2.49 28.76
N ALA A 491 5.05 -3.39 28.50
CA ALA A 491 6.38 -3.27 29.10
C ALA A 491 7.12 -2.05 28.52
N THR A 492 7.93 -1.41 29.37
N THR A 492 7.94 -1.42 29.36
CA THR A 492 8.74 -0.28 28.94
CA THR A 492 8.72 -0.27 28.92
C THR A 492 9.57 -0.64 27.71
C THR A 492 9.59 -0.62 27.72
N LYS A 493 10.14 -1.83 27.70
CA LYS A 493 11.00 -2.29 26.62
C LYS A 493 10.20 -3.31 25.80
N ILE A 494 9.94 -3.00 24.54
CA ILE A 494 9.14 -3.88 23.68
C ILE A 494 10.02 -5.02 23.20
N ASN A 495 9.61 -6.25 23.49
CA ASN A 495 10.36 -7.44 23.08
C ASN A 495 9.83 -7.88 21.73
N SER A 496 10.52 -7.47 20.66
CA SER A 496 9.98 -7.65 19.32
C SER A 496 9.92 -9.12 18.94
N SER A 497 10.95 -9.89 19.25
CA SER A 497 10.95 -11.31 18.91
C SER A 497 9.84 -12.05 19.66
N ALA A 498 9.64 -11.73 20.94
CA ALA A 498 8.62 -12.41 21.72
C ALA A 498 7.22 -12.08 21.21
N ILE A 499 6.93 -10.80 20.97
CA ILE A 499 5.62 -10.45 20.43
C ILE A 499 5.41 -11.11 19.07
N LYS A 500 6.46 -11.16 18.26
CA LYS A 500 6.39 -11.81 16.96
C LYS A 500 6.08 -13.30 17.12
N LEU A 501 6.80 -13.97 18.03
CA LEU A 501 6.50 -15.36 18.33
C LEU A 501 5.05 -15.54 18.75
N GLN A 502 4.54 -14.64 19.59
CA GLN A 502 3.21 -14.83 20.15
C GLN A 502 2.12 -14.55 19.12
N LEU A 503 2.29 -13.50 18.32
CA LEU A 503 1.28 -13.16 17.32
C LEU A 503 1.14 -14.26 16.26
N THR A 504 2.19 -15.06 16.05
CA THR A 504 2.21 -16.03 14.98
C THR A 504 1.91 -17.46 15.44
N ALA A 505 1.68 -17.69 16.73
CA ALA A 505 1.28 -19.02 17.20
C ALA A 505 -0.02 -19.44 16.51
N GLN A 506 -0.17 -20.72 16.18
CA GLN A 506 -1.38 -21.04 15.43
C GLN A 506 -2.59 -21.10 16.36
N SER A 507 -3.75 -20.75 15.80
CA SER A 507 -4.98 -20.48 16.54
C SER A 507 -5.48 -21.66 17.36
N GLY B 20 37.07 24.07 17.81
CA GLY B 20 38.02 23.27 17.07
C GLY B 20 37.87 23.41 15.56
N LEU B 21 37.08 24.41 15.15
CA LEU B 21 36.93 24.70 13.73
C LEU B 21 38.14 25.49 13.24
N LYS B 22 38.54 25.21 12.01
CA LYS B 22 39.67 25.89 11.41
C LYS B 22 39.22 27.10 10.59
N THR B 23 40.17 28.00 10.34
CA THR B 23 39.86 29.29 9.72
C THR B 23 39.14 29.10 8.39
N ALA B 24 39.63 28.20 7.55
CA ALA B 24 38.98 27.95 6.26
C ALA B 24 37.56 27.47 6.44
N GLN B 25 37.28 26.73 7.53
CA GLN B 25 35.93 26.28 7.79
C GLN B 25 35.04 27.44 8.22
N LYS B 26 35.58 28.38 9.00
CA LYS B 26 34.75 29.41 9.61
C LYS B 26 34.32 30.48 8.61
N THR B 27 35.12 30.72 7.57
CA THR B 27 34.80 31.81 6.65
C THR B 27 33.54 31.53 5.82
N LEU B 28 33.10 30.27 5.73
CA LEU B 28 31.90 29.93 4.99
C LEU B 28 30.60 30.24 5.74
N PHE B 29 30.69 30.67 6.99
CA PHE B 29 29.50 30.97 7.77
C PHE B 29 29.25 32.47 7.79
N PRO B 30 27.99 32.90 8.02
CA PRO B 30 26.77 32.11 8.27
C PRO B 30 26.27 31.41 7.02
N LEU B 31 25.59 30.27 7.13
CA LEU B 31 24.95 29.65 5.99
C LEU B 31 23.54 30.22 5.88
N ARG B 32 23.21 30.79 4.73
CA ARG B 32 21.94 31.46 4.56
C ARG B 32 21.03 30.79 3.54
N SER B 33 21.49 29.74 2.89
CA SER B 33 20.76 29.16 1.77
C SER B 33 21.29 27.76 1.50
N ILE B 34 20.52 27.02 0.70
CA ILE B 34 20.93 25.69 0.25
C ILE B 34 22.33 25.75 -0.37
N ASP B 35 22.55 26.74 -1.23
CA ASP B 35 23.84 26.83 -1.93
C ASP B 35 24.97 27.09 -0.96
N ASP B 36 24.74 27.86 0.10
CA ASP B 36 25.80 28.04 1.09
C ASP B 36 26.16 26.69 1.68
N VAL B 37 25.16 25.84 1.94
CA VAL B 37 25.40 24.49 2.44
C VAL B 37 26.20 23.67 1.44
N VAL B 38 25.83 23.75 0.16
CA VAL B 38 26.57 23.00 -0.85
C VAL B 38 28.03 23.42 -0.87
N ARG B 39 28.29 24.74 -0.88
CA ARG B 39 29.67 25.21 -0.94
C ARG B 39 30.47 24.76 0.27
N LEU B 40 29.83 24.63 1.43
CA LEU B 40 30.53 24.09 2.59
C LEU B 40 30.88 22.63 2.38
N PHE B 41 29.96 21.85 1.80
CA PHE B 41 30.27 20.45 1.52
C PHE B 41 31.36 20.32 0.47
N ALA B 42 31.34 21.16 -0.56
CA ALA B 42 32.39 21.13 -1.58
C ALA B 42 33.76 21.40 -0.98
N ALA B 43 33.85 22.42 -0.12
CA ALA B 43 35.11 22.74 0.53
C ALA B 43 35.59 21.58 1.41
N GLU B 44 34.68 21.03 2.24
CA GLU B 44 35.06 19.91 3.08
C GLU B 44 35.46 18.69 2.25
N LEU B 45 34.78 18.44 1.12
CA LEU B 45 35.14 17.30 0.27
C LEU B 45 36.44 17.52 -0.50
N GLY B 46 36.91 18.75 -0.62
CA GLY B 46 38.20 18.97 -1.23
C GLY B 46 39.38 18.67 -0.34
N ARG B 47 39.14 18.16 0.86
CA ARG B 47 40.16 17.90 1.85
C ARG B 47 40.30 16.41 2.11
N GLU B 48 41.47 16.03 2.61
CA GLU B 48 41.74 14.61 2.83
C GLU B 48 40.78 14.01 3.85
N GLU B 49 40.31 14.80 4.81
CA GLU B 49 39.40 14.30 5.83
C GLU B 49 38.27 15.30 6.05
N PRO B 50 37.19 15.20 5.28
CA PRO B 50 36.01 16.04 5.56
C PRO B 50 35.54 15.82 6.99
N ASP B 51 35.16 16.92 7.63
CA ASP B 51 34.76 16.89 9.04
C ASP B 51 33.34 16.36 9.13
N LEU B 52 33.22 15.05 9.40
CA LEU B 52 31.93 14.39 9.50
C LEU B 52 31.05 15.01 10.58
N VAL B 53 31.65 15.40 11.71
CA VAL B 53 30.88 15.97 12.81
C VAL B 53 30.28 17.30 12.38
N LEU B 54 31.10 18.16 11.77
CA LEU B 54 30.63 19.46 11.33
C LEU B 54 29.54 19.33 10.28
N LEU B 55 29.73 18.43 9.31
CA LEU B 55 28.77 18.33 8.22
C LEU B 55 27.46 17.72 8.69
N SER B 56 27.50 16.70 9.54
CA SER B 56 26.25 16.13 10.03
C SER B 56 25.53 17.11 10.94
N LEU B 57 26.28 17.89 11.72
CA LEU B 57 25.65 18.90 12.56
C LEU B 57 24.88 19.93 11.74
N VAL B 58 25.47 20.38 10.63
CA VAL B 58 24.79 21.36 9.79
C VAL B 58 23.53 20.77 9.16
N LEU B 59 23.60 19.53 8.68
CA LEU B 59 22.43 18.91 8.08
C LEU B 59 21.32 18.70 9.10
N GLY B 60 21.67 18.25 10.31
CA GLY B 60 20.65 18.02 11.33
C GLY B 60 19.99 19.30 11.81
N PHE B 61 20.77 20.39 11.91
CA PHE B 61 20.22 21.70 12.25
C PHE B 61 19.22 22.16 11.19
N VAL B 62 19.63 22.07 9.93
CA VAL B 62 18.79 22.52 8.84
C VAL B 62 17.54 21.66 8.74
N GLU B 63 17.68 20.34 8.88
CA GLU B 63 16.50 19.47 8.82
C GLU B 63 15.57 19.70 10.00
N HIS B 64 16.12 20.06 11.17
CA HIS B 64 15.26 20.28 12.33
C HIS B 64 14.30 21.44 12.11
N PHE B 65 14.79 22.54 11.57
CA PHE B 65 13.97 23.72 11.38
C PHE B 65 13.27 23.76 10.03
N LEU B 66 13.51 22.78 9.17
CA LEU B 66 12.78 22.64 7.92
C LEU B 66 11.75 21.52 7.98
N ALA B 67 11.97 20.50 8.83
CA ALA B 67 11.09 19.32 8.84
C ALA B 67 10.55 18.97 10.23
N VAL B 68 11.35 19.12 11.28
CA VAL B 68 10.87 18.83 12.63
C VAL B 68 10.00 19.96 13.15
N ASN B 69 10.57 21.16 13.25
CA ASN B 69 9.82 22.38 13.54
C ASN B 69 9.66 23.13 12.23
N ARG B 70 8.51 22.92 11.57
CA ARG B 70 8.16 23.69 10.39
C ARG B 70 7.65 25.05 10.83
N VAL B 71 8.43 26.10 10.52
CA VAL B 71 8.09 27.43 11.00
C VAL B 71 7.03 28.08 10.11
N ILE B 72 7.16 27.93 8.79
CA ILE B 72 6.18 28.44 7.84
C ILE B 72 5.49 27.26 7.18
N PRO B 73 4.16 27.18 7.22
CA PRO B 73 3.45 26.09 6.52
C PRO B 73 3.79 26.09 5.04
N THR B 74 3.64 24.91 4.43
CA THR B 74 3.89 24.73 3.00
C THR B 74 2.65 24.93 2.15
N ASN B 75 1.52 25.33 2.75
CA ASN B 75 0.27 25.43 2.01
C ASN B 75 0.35 26.52 0.95
N VAL B 76 -0.05 26.17 -0.27
CA VAL B 76 -0.10 27.10 -1.39
C VAL B 76 -1.51 27.68 -1.43
N PRO B 77 -1.69 29.00 -1.41
CA PRO B 77 -3.04 29.56 -1.41
C PRO B 77 -3.80 29.21 -2.68
N GLU B 78 -5.13 29.20 -2.57
CA GLU B 78 -5.99 28.92 -3.72
C GLU B 78 -5.69 29.91 -4.84
N LEU B 79 -5.35 29.38 -6.02
CA LEU B 79 -4.90 30.21 -7.13
C LEU B 79 -6.05 31.10 -7.62
N THR B 80 -5.94 32.40 -7.35
CA THR B 80 -6.93 33.38 -7.77
C THR B 80 -6.20 34.67 -8.15
N PHE B 81 -6.82 35.45 -9.03
CA PHE B 81 -6.17 36.65 -9.57
C PHE B 81 -6.96 37.90 -9.21
N GLN B 82 -6.24 39.01 -9.09
CA GLN B 82 -6.81 40.31 -8.77
C GLN B 82 -5.88 41.39 -9.30
N PRO B 83 -6.39 42.59 -9.54
CA PRO B 83 -5.52 43.65 -10.10
C PRO B 83 -4.27 43.96 -9.28
N SER B 84 -4.38 44.02 -7.95
CA SER B 84 -3.25 44.31 -7.09
C SER B 84 -2.50 43.02 -6.78
N PRO B 85 -1.32 43.11 -6.15
CA PRO B 85 -0.62 41.88 -5.75
C PRO B 85 -1.43 41.06 -4.77
N ALA B 86 -1.20 39.74 -4.79
CA ALA B 86 -1.87 38.86 -3.85
C ALA B 86 -1.48 39.20 -2.42
N PRO B 87 -2.39 39.02 -1.46
CA PRO B 87 -2.05 39.35 -0.07
C PRO B 87 -0.96 38.46 0.52
N ASP B 88 -0.85 37.22 0.10
CA ASP B 88 0.22 36.32 0.48
C ASP B 88 0.92 35.80 -0.75
N PRO B 89 2.18 35.38 -0.63
CA PRO B 89 2.89 34.81 -1.78
C PRO B 89 2.07 33.72 -2.44
N PRO B 90 1.66 33.94 -3.68
CA PRO B 90 0.62 33.09 -4.28
C PRO B 90 1.12 31.75 -4.80
N GLY B 91 2.40 31.45 -4.67
CA GLY B 91 2.90 30.12 -4.96
C GLY B 91 3.41 29.45 -3.71
N GLY B 92 3.37 30.15 -2.59
CA GLY B 92 3.97 29.66 -1.36
C GLY B 92 5.38 30.17 -1.19
N LEU B 93 6.02 29.71 -0.11
CA LEU B 93 7.38 30.07 0.24
C LEU B 93 8.24 28.84 0.43
N THR B 94 9.53 29.00 0.14
CA THR B 94 10.58 28.14 0.64
C THR B 94 11.46 28.99 1.54
N TYR B 95 12.07 28.35 2.54
CA TYR B 95 12.85 29.11 3.50
C TYR B 95 14.07 28.32 3.94
N PHE B 96 14.96 29.00 4.65
CA PHE B 96 16.18 28.41 5.14
C PHE B 96 16.48 28.95 6.53
N PRO B 97 16.74 28.07 7.52
CA PRO B 97 17.16 28.53 8.84
C PRO B 97 18.66 28.83 8.83
N VAL B 98 19.02 30.12 8.88
CA VAL B 98 20.41 30.49 8.78
CA VAL B 98 20.42 30.48 8.77
C VAL B 98 21.20 29.84 9.91
N ALA B 99 22.37 29.31 9.57
CA ALA B 99 23.23 28.62 10.52
C ALA B 99 24.42 29.53 10.81
N ASP B 100 24.42 30.13 12.01
CA ASP B 100 25.54 30.96 12.43
C ASP B 100 26.68 30.10 12.96
N LEU B 101 27.90 30.59 12.76
CA LEU B 101 29.08 29.96 13.33
C LEU B 101 28.90 29.73 14.83
N SER B 102 28.44 30.77 15.53
CA SER B 102 28.26 30.69 16.98
C SER B 102 27.41 29.48 17.37
N ILE B 103 26.29 29.28 16.68
CA ILE B 103 25.40 28.18 17.02
C ILE B 103 26.03 26.85 16.66
N ILE B 104 26.56 26.75 15.43
CA ILE B 104 27.11 25.46 14.97
C ILE B 104 28.36 25.11 15.76
N ALA B 105 29.23 26.11 16.01
CA ALA B 105 30.48 25.83 16.72
C ALA B 105 30.23 25.41 18.15
N ALA B 106 29.20 25.96 18.80
CA ALA B 106 28.90 25.57 20.17
C ALA B 106 28.49 24.11 20.25
N LEU B 107 27.63 23.67 19.32
CA LEU B 107 27.27 22.25 19.28
C LEU B 107 28.46 21.39 18.94
N TYR B 108 29.28 21.82 17.96
CA TYR B 108 30.52 21.12 17.65
C TYR B 108 31.40 20.96 18.89
N ALA B 109 31.58 22.03 19.65
CA ALA B 109 32.41 21.96 20.86
C ALA B 109 31.83 21.00 21.89
N ARG B 110 30.50 21.00 22.08
CA ARG B 110 29.88 20.07 23.01
C ARG B 110 30.23 18.62 22.67
N PHE B 111 29.99 18.22 21.42
CA PHE B 111 30.30 16.85 21.00
C PHE B 111 31.77 16.53 21.20
N THR B 112 32.66 17.40 20.70
CA THR B 112 34.09 17.09 20.78
C THR B 112 34.57 17.06 22.23
N ALA B 113 34.03 17.95 23.07
CA ALA B 113 34.39 17.92 24.49
C ALA B 113 33.95 16.61 25.12
N GLN B 114 32.74 16.15 24.78
CA GLN B 114 32.23 14.92 25.39
C GLN B 114 33.10 13.73 25.00
N ILE B 115 33.48 13.62 23.72
CA ILE B 115 34.26 12.49 23.24
C ILE B 115 35.68 12.54 23.81
N ARG B 116 36.36 13.68 23.67
CA ARG B 116 37.74 13.77 24.12
C ARG B 116 37.85 13.66 25.63
N GLY B 117 36.81 14.06 26.35
CA GLY B 117 36.84 13.91 27.80
C GLY B 117 36.57 12.51 28.27
N ALA B 118 35.84 11.72 27.49
CA ALA B 118 35.49 10.36 27.89
C ALA B 118 36.48 9.31 27.42
N VAL B 119 37.24 9.59 26.35
CA VAL B 119 38.16 8.64 25.76
C VAL B 119 39.57 9.20 25.92
N ASP B 120 40.39 8.53 26.72
CA ASP B 120 41.76 8.98 26.94
C ASP B 120 42.65 8.01 26.16
N LEU B 121 43.22 8.51 25.06
CA LEU B 121 43.92 7.71 24.06
C LEU B 121 45.21 7.09 24.59
N SER B 122 45.76 7.61 25.69
CA SER B 122 47.00 7.10 26.24
C SER B 122 46.83 5.76 26.94
N LEU B 123 45.59 5.35 27.23
CA LEU B 123 45.31 4.05 27.80
C LEU B 123 45.28 2.94 26.77
N TYR B 124 45.26 3.27 25.48
CA TYR B 124 45.16 2.31 24.41
C TYR B 124 46.40 2.39 23.53
N PRO B 125 47.02 1.25 23.21
CA PRO B 125 48.37 1.26 22.66
C PRO B 125 48.49 2.06 21.38
N ARG B 126 47.78 1.64 20.34
CA ARG B 126 47.84 2.24 19.00
C ARG B 126 49.28 2.22 18.47
N GLU B 127 49.74 1.01 18.18
CA GLU B 127 50.98 0.83 17.43
C GLU B 127 50.68 0.96 15.95
N GLY B 128 51.45 1.83 15.28
CA GLY B 128 51.10 2.14 13.92
C GLY B 128 49.87 3.05 13.91
N GLY B 129 49.17 3.02 12.78
CA GLY B 129 47.98 3.83 12.61
C GLY B 129 46.73 2.99 12.70
N VAL B 130 46.75 2.01 13.61
CA VAL B 130 45.68 1.03 13.75
C VAL B 130 45.05 1.20 15.13
N SER B 131 43.73 1.25 15.16
CA SER B 131 43.02 1.30 16.43
C SER B 131 42.75 -0.11 16.92
N SER B 132 42.83 -0.28 18.24
CA SER B 132 42.55 -1.56 18.84
C SER B 132 41.05 -1.76 18.93
N ARG B 133 40.65 -3.03 19.02
CA ARG B 133 39.24 -3.38 19.22
C ARG B 133 38.74 -2.82 20.53
N GLU B 134 39.57 -2.85 21.57
CA GLU B 134 39.15 -2.27 22.84
C GLU B 134 38.90 -0.78 22.70
N LEU B 135 39.74 -0.09 21.92
CA LEU B 135 39.55 1.34 21.73
C LEU B 135 38.28 1.62 20.94
N VAL B 136 38.02 0.84 19.89
CA VAL B 136 36.79 1.01 19.11
C VAL B 136 35.57 0.71 19.97
N LYS B 137 35.65 -0.34 20.80
CA LYS B 137 34.54 -0.63 21.70
C LYS B 137 34.33 0.46 22.73
N LYS B 138 35.41 1.09 23.20
CA LYS B 138 35.25 2.17 24.18
C LYS B 138 34.56 3.39 23.57
N VAL B 139 34.99 3.79 22.36
CA VAL B 139 34.33 4.91 21.70
C VAL B 139 32.87 4.56 21.45
N SER B 140 32.62 3.34 20.95
CA SER B 140 31.25 2.91 20.73
C SER B 140 30.45 2.96 22.02
N ASP B 141 31.07 2.54 23.14
CA ASP B 141 30.35 2.53 24.42
C ASP B 141 29.99 3.93 24.87
N VAL B 142 30.84 4.92 24.57
CA VAL B 142 30.55 6.29 24.97
C VAL B 142 29.30 6.81 24.26
N ILE B 143 29.20 6.56 22.95
CA ILE B 143 27.98 6.92 22.22
C ILE B 143 26.79 6.17 22.79
N TRP B 144 26.94 4.85 22.97
CA TRP B 144 25.83 3.99 23.37
C TRP B 144 25.25 4.41 24.71
N ASN B 145 26.11 4.69 25.70
CA ASN B 145 25.63 5.00 27.03
C ASN B 145 25.15 6.45 27.16
N SER B 146 25.35 7.28 26.14
CA SER B 146 24.88 8.65 26.15
C SER B 146 23.43 8.77 25.72
N LEU B 147 22.92 7.78 24.99
CA LEU B 147 21.57 7.83 24.44
C LEU B 147 20.51 7.79 25.53
N SER B 148 19.35 8.36 25.22
CA SER B 148 18.20 8.30 26.11
C SER B 148 17.78 6.86 26.38
N ARG B 149 17.10 6.68 27.51
CA ARG B 149 16.78 5.37 28.04
C ARG B 149 15.75 4.67 27.15
N SER B 150 14.67 5.37 26.82
CA SER B 150 13.57 4.79 26.08
C SER B 150 13.09 5.81 25.06
N TYR B 151 13.06 5.40 23.79
CA TYR B 151 12.51 6.19 22.71
C TYR B 151 12.27 5.26 21.53
N PHE B 152 11.39 5.70 20.63
CA PHE B 152 11.08 4.91 19.44
C PHE B 152 12.25 4.97 18.48
N LYS B 153 12.90 3.82 18.27
CA LYS B 153 14.12 3.75 17.48
C LYS B 153 13.92 4.18 16.03
N ASP B 154 12.74 3.93 15.46
CA ASP B 154 12.54 4.22 14.05
C ASP B 154 11.79 5.52 13.80
N ARG B 155 11.82 6.46 14.74
CA ARG B 155 11.16 7.71 14.43
C ARG B 155 12.01 8.49 13.42
N ALA B 156 11.39 9.49 12.82
CA ALA B 156 12.06 10.26 11.78
C ALA B 156 12.95 11.33 12.40
N HIS B 157 13.95 11.77 11.63
CA HIS B 157 14.82 12.90 11.96
C HIS B 157 15.65 12.68 13.22
N ILE B 158 15.99 11.43 13.54
CA ILE B 158 16.95 11.23 14.64
C ILE B 158 18.21 10.54 14.11
N GLN B 159 18.67 10.97 12.94
CA GLN B 159 19.79 10.29 12.29
C GLN B 159 21.13 11.00 12.44
N SER B 160 21.12 12.29 12.75
CA SER B 160 22.33 13.11 12.67
C SER B 160 22.92 13.37 14.05
N LEU B 161 24.11 13.96 14.04
CA LEU B 161 24.75 14.36 15.29
CA LEU B 161 24.75 14.36 15.29
C LEU B 161 24.03 15.52 15.95
N PHE B 162 23.21 16.26 15.20
CA PHE B 162 22.38 17.28 15.82
C PHE B 162 21.35 16.64 16.76
N SER B 163 20.82 15.48 16.36
CA SER B 163 19.87 14.77 17.21
C SER B 163 20.58 14.13 18.40
N PHE B 164 21.79 13.62 18.19
CA PHE B 164 22.57 13.07 19.30
C PHE B 164 22.84 14.12 20.37
N ILE B 165 23.32 15.29 19.94
CA ILE B 165 23.76 16.32 20.88
C ILE B 165 22.58 16.96 21.58
N THR B 166 21.55 17.31 20.82
CA THR B 166 20.42 18.06 21.37
C THR B 166 19.28 17.17 21.86
N GLY B 167 19.24 15.90 21.47
CA GLY B 167 18.13 15.06 21.84
C GLY B 167 18.54 13.74 22.44
N THR B 168 19.85 13.46 22.45
CA THR B 168 20.43 12.19 22.89
C THR B 168 19.65 11.01 22.31
N LYS B 169 19.29 11.14 21.03
CA LYS B 169 18.48 10.17 20.32
C LYS B 169 19.11 9.90 18.97
N LEU B 170 19.32 8.63 18.64
CA LEU B 170 19.83 8.23 17.33
C LEU B 170 19.05 7.00 16.87
N ASP B 171 18.73 6.93 15.58
CA ASP B 171 18.24 5.67 15.04
C ASP B 171 19.40 4.68 14.96
N SER B 172 19.12 3.48 14.45
CA SER B 172 20.09 2.40 14.57
C SER B 172 21.38 2.70 13.80
N SER B 173 21.26 3.06 12.52
CA SER B 173 22.45 3.36 11.74
C SER B 173 23.08 4.69 12.15
N GLY B 174 22.27 5.60 12.71
CA GLY B 174 22.81 6.83 13.26
C GLY B 174 23.83 6.59 14.36
N VAL B 175 23.59 5.56 15.20
CA VAL B 175 24.58 5.19 16.21
C VAL B 175 25.91 4.87 15.55
N ALA B 176 25.91 3.99 14.54
CA ALA B 176 27.15 3.58 13.91
C ALA B 176 27.87 4.77 13.27
N PHE B 177 27.13 5.62 12.56
CA PHE B 177 27.73 6.84 12.02
C PHE B 177 28.36 7.70 13.12
N ALA B 178 27.66 7.86 14.25
CA ALA B 178 28.19 8.72 15.31
C ALA B 178 29.47 8.16 15.90
N VAL B 179 29.60 6.82 15.96
CA VAL B 179 30.85 6.21 16.45
C VAL B 179 32.00 6.58 15.52
N VAL B 180 31.76 6.53 14.21
CA VAL B 180 32.79 6.89 13.23
C VAL B 180 33.12 8.37 13.32
N GLY B 181 32.09 9.23 13.44
CA GLY B 181 32.36 10.64 13.68
C GLY B 181 33.19 10.88 14.92
N ALA B 182 32.87 10.18 16.01
CA ALA B 182 33.66 10.29 17.23
C ALA B 182 35.09 9.82 17.00
N CYS B 183 35.26 8.71 16.27
CA CYS B 183 36.61 8.20 16.02
C CYS B 183 37.42 9.20 15.20
N GLN B 184 36.78 9.84 14.20
CA GLN B 184 37.47 10.89 13.46
C GLN B 184 37.84 12.06 14.36
N ALA B 185 36.95 12.44 15.28
CA ALA B 185 37.27 13.52 16.20
C ALA B 185 38.47 13.19 17.08
N LEU B 186 38.65 11.91 17.42
CA LEU B 186 39.81 11.44 18.17
C LEU B 186 41.04 11.16 17.31
N GLY B 187 40.93 11.31 16.00
CA GLY B 187 42.06 11.08 15.12
C GLY B 187 42.31 9.64 14.76
N LEU B 188 41.31 8.77 14.87
CA LEU B 188 41.47 7.36 14.50
C LEU B 188 41.07 7.21 13.03
N ARG B 189 42.01 7.46 12.13
CA ARG B 189 41.64 7.51 10.72
C ARG B 189 41.45 6.13 10.10
N ASP B 190 41.68 5.05 10.84
CA ASP B 190 41.43 3.71 10.31
C ASP B 190 40.01 3.21 10.57
N VAL B 191 39.21 3.91 11.36
CA VAL B 191 37.87 3.45 11.68
C VAL B 191 36.90 4.02 10.65
N HIS B 192 36.13 3.14 10.02
CA HIS B 192 35.25 3.54 8.93
C HIS B 192 33.90 2.84 9.05
N LEU B 193 32.91 3.46 8.41
CA LEU B 193 31.54 2.95 8.44
C LEU B 193 31.43 1.79 7.46
N ALA B 194 30.83 0.68 7.91
CA ALA B 194 30.45 -0.43 7.04
C ALA B 194 28.94 -0.45 6.90
N LEU B 195 28.45 -0.65 5.68
CA LEU B 195 27.04 -0.48 5.38
C LEU B 195 26.57 -1.65 4.54
N SER B 196 25.55 -2.36 5.00
CA SER B 196 24.82 -3.27 4.12
C SER B 196 23.64 -2.51 3.54
N GLU B 197 22.63 -3.23 3.07
CA GLU B 197 21.43 -2.59 2.54
C GLU B 197 20.42 -2.30 3.65
N ASP B 198 20.67 -2.78 4.87
CA ASP B 198 19.78 -2.50 5.99
C ASP B 198 20.47 -2.36 7.34
N HIS B 199 21.80 -2.54 7.41
CA HIS B 199 22.50 -2.53 8.69
C HIS B 199 23.80 -1.73 8.54
N ALA B 200 24.32 -1.27 9.67
CA ALA B 200 25.58 -0.53 9.72
C ALA B 200 26.43 -1.01 10.89
N TRP B 201 27.75 -1.04 10.67
CA TRP B 201 28.72 -1.34 11.73
C TRP B 201 30.02 -0.60 11.38
N VAL B 202 31.13 -0.97 12.03
CA VAL B 202 32.40 -0.32 11.74
C VAL B 202 33.43 -1.36 11.29
N VAL B 203 34.31 -0.93 10.40
CA VAL B 203 35.49 -1.69 10.02
C VAL B 203 36.70 -0.88 10.47
N PHE B 204 37.80 -1.59 10.73
CA PHE B 204 39.00 -0.94 11.22
C PHE B 204 40.14 -1.95 11.07
N GLY B 205 41.32 -1.55 11.51
CA GLY B 205 42.47 -2.41 11.34
C GLY B 205 43.28 -2.01 10.11
N PRO B 206 44.42 -2.66 9.92
CA PRO B 206 45.38 -2.17 8.91
C PRO B 206 44.80 -2.11 7.50
N ASN B 207 44.06 -3.14 7.07
CA ASN B 207 43.41 -3.14 5.76
C ASN B 207 41.89 -3.02 5.88
N GLY B 208 41.39 -2.47 6.98
CA GLY B 208 39.96 -2.46 7.21
C GLY B 208 39.35 -3.84 7.33
N GLU B 209 40.16 -4.82 7.73
CA GLU B 209 39.75 -6.21 7.76
C GLU B 209 39.06 -6.60 9.06
N GLN B 210 39.11 -5.76 10.09
CA GLN B 210 38.51 -6.09 11.37
C GLN B 210 37.14 -5.44 11.46
N THR B 211 36.19 -6.14 12.09
CA THR B 211 34.83 -5.63 12.19
C THR B 211 34.35 -5.65 13.63
N ALA B 212 33.45 -4.72 13.94
CA ALA B 212 32.84 -4.64 15.26
C ALA B 212 31.41 -4.14 15.12
N GLU B 213 30.46 -4.86 15.69
CA GLU B 213 29.10 -4.34 15.81
C GLU B 213 29.07 -3.22 16.84
N VAL B 214 28.34 -2.15 16.53
CA VAL B 214 28.24 -1.00 17.44
C VAL B 214 26.81 -0.55 17.67
N THR B 215 25.80 -1.17 17.05
CA THR B 215 24.42 -0.72 17.23
C THR B 215 23.48 -1.93 17.19
N TRP B 216 22.16 -1.65 17.28
CA TRP B 216 21.15 -2.68 17.06
C TRP B 216 21.21 -3.19 15.63
N HIS B 217 20.85 -4.47 15.45
CA HIS B 217 20.81 -5.07 14.12
C HIS B 217 19.39 -5.17 13.56
N GLY B 218 18.47 -4.36 14.06
CA GLY B 218 17.12 -4.33 13.53
C GLY B 218 16.17 -3.70 14.52
N LYS B 219 14.89 -3.67 14.14
CA LYS B 219 13.87 -3.35 15.12
C LYS B 219 13.86 -4.44 16.18
N GLY B 220 13.47 -4.08 17.38
CA GLY B 220 13.82 -4.93 18.49
C GLY B 220 15.09 -4.45 19.14
N ASN B 221 15.26 -4.80 20.40
CA ASN B 221 16.30 -4.22 21.23
C ASN B 221 17.50 -5.15 21.41
N GLU B 222 17.57 -6.21 20.64
CA GLU B 222 18.73 -7.09 20.66
C GLU B 222 19.95 -6.42 20.02
N ASP B 223 21.14 -6.79 20.50
CA ASP B 223 22.38 -6.30 19.92
C ASP B 223 23.49 -7.33 20.14
N ARG B 224 24.47 -7.32 19.24
CA ARG B 224 25.69 -8.10 19.36
C ARG B 224 26.91 -7.19 19.42
N ARG B 225 26.82 -6.10 20.18
CA ARG B 225 27.88 -5.10 20.18
C ARG B 225 29.18 -5.68 20.69
N GLY B 226 30.27 -5.35 20.00
CA GLY B 226 31.58 -5.87 20.29
C GLY B 226 32.00 -7.02 19.41
N GLN B 227 31.05 -7.80 18.92
CA GLN B 227 31.38 -8.96 18.09
C GLN B 227 31.65 -8.55 16.64
N THR B 228 32.33 -9.42 15.93
CA THR B 228 32.52 -9.30 14.50
C THR B 228 31.19 -9.57 13.76
N VAL B 229 31.23 -9.38 12.44
CA VAL B 229 30.10 -9.74 11.59
C VAL B 229 30.35 -11.05 10.84
N ASN B 230 31.36 -11.83 11.26
CA ASN B 230 31.78 -13.01 10.50
C ASN B 230 30.68 -14.07 10.44
N ALA B 231 29.90 -14.21 11.49
CA ALA B 231 28.85 -15.23 11.48
C ALA B 231 27.76 -14.87 10.48
N GLY B 232 27.36 -13.60 10.44
CA GLY B 232 26.32 -13.19 9.51
C GLY B 232 26.74 -13.28 8.05
N VAL B 233 28.01 -12.99 7.77
CA VAL B 233 28.56 -13.24 6.44
C VAL B 233 28.49 -14.72 6.12
N ALA B 234 29.03 -15.56 7.00
CA ALA B 234 29.06 -16.99 6.74
C ALA B 234 27.66 -17.59 6.65
N GLU B 235 26.70 -17.04 7.42
CA GLU B 235 25.32 -17.55 7.44
C GLU B 235 24.50 -17.14 6.22
N ARG B 236 25.02 -16.25 5.36
CA ARG B 236 24.35 -15.84 4.13
C ARG B 236 23.02 -15.12 4.40
N SER B 237 22.92 -14.43 5.53
N SER B 237 22.95 -14.45 5.55
CA SER B 237 21.77 -13.58 5.76
CA SER B 237 21.90 -13.49 5.82
C SER B 237 21.97 -12.26 5.01
C SER B 237 22.01 -12.28 4.89
N TRP B 238 20.88 -11.80 4.37
CA TRP B 238 20.93 -10.63 3.51
C TRP B 238 21.52 -9.43 4.24
N LEU B 239 21.33 -9.38 5.57
CA LEU B 239 21.79 -8.24 6.36
C LEU B 239 23.29 -8.01 6.27
N TYR B 240 24.07 -9.01 5.88
CA TYR B 240 25.51 -8.85 5.75
C TYR B 240 26.01 -9.11 4.33
N LEU B 241 25.11 -9.36 3.38
CA LEU B 241 25.41 -9.40 1.95
C LEU B 241 26.54 -10.35 1.60
N LYS B 242 26.70 -11.44 2.37
CA LYS B 242 27.76 -12.43 2.16
C LYS B 242 29.13 -11.77 2.07
N GLY B 243 29.31 -10.65 2.76
CA GLY B 243 30.56 -9.95 2.75
C GLY B 243 30.71 -8.93 1.65
N SER B 244 29.76 -8.83 0.74
CA SER B 244 29.81 -7.80 -0.29
C SER B 244 29.13 -6.52 0.16
N TYR B 245 29.42 -6.08 1.37
CA TYR B 245 28.87 -4.84 1.88
C TYR B 245 29.82 -3.70 1.58
N MET B 246 29.40 -2.50 1.96
CA MET B 246 30.04 -1.27 1.53
C MET B 246 31.04 -0.85 2.60
N ARG B 247 32.32 -0.77 2.25
CA ARG B 247 33.38 -0.32 3.15
C ARG B 247 33.70 1.14 2.82
N CYS B 248 33.23 2.07 3.65
CA CYS B 248 33.29 3.48 3.29
C CYS B 248 34.68 4.05 3.54
N ASP B 249 35.11 4.96 2.64
CA ASP B 249 36.13 5.92 3.02
C ASP B 249 35.40 7.15 3.58
N ARG B 250 36.15 8.19 3.94
CA ARG B 250 35.49 9.37 4.50
C ARG B 250 34.54 10.03 3.51
N LYS B 251 34.85 9.97 2.21
CA LYS B 251 33.96 10.60 1.24
C LYS B 251 32.63 9.86 1.12
N MET B 252 32.64 8.53 1.13
CA MET B 252 31.37 7.81 1.13
C MET B 252 30.64 7.93 2.45
N GLU B 253 31.35 8.22 3.54
CA GLU B 253 30.67 8.54 4.80
C GLU B 253 29.91 9.85 4.68
N VAL B 254 30.44 10.83 3.93
CA VAL B 254 29.67 12.03 3.64
C VAL B 254 28.45 11.69 2.79
N ALA B 255 28.64 10.84 1.77
CA ALA B 255 27.52 10.43 0.93
C ALA B 255 26.41 9.79 1.76
N PHE B 256 26.78 8.99 2.75
CA PHE B 256 25.78 8.33 3.58
C PHE B 256 24.94 9.35 4.35
N MET B 257 25.57 10.35 4.97
CA MET B 257 24.77 11.33 5.72
C MET B 257 23.88 12.15 4.78
N VAL B 258 24.30 12.32 3.52
CA VAL B 258 23.44 12.99 2.55
C VAL B 258 22.24 12.12 2.20
N CYS B 259 22.49 10.83 1.92
CA CYS B 259 21.36 9.90 1.76
C CYS B 259 20.48 9.85 3.01
N ALA B 260 21.04 10.13 4.19
CA ALA B 260 20.28 10.04 5.44
C ALA B 260 19.35 11.23 5.66
N ILE B 261 19.51 12.31 4.90
CA ILE B 261 18.58 13.43 4.96
C ILE B 261 17.15 12.92 4.77
N ASN B 262 16.25 13.34 5.66
CA ASN B 262 14.83 12.94 5.61
C ASN B 262 13.96 14.17 5.38
N PRO B 263 13.44 14.37 4.18
CA PRO B 263 12.67 15.58 3.88
C PRO B 263 11.24 15.57 4.41
N SER B 264 10.77 14.47 4.99
CA SER B 264 9.35 14.34 5.31
C SER B 264 8.94 15.32 6.40
N ILE B 265 7.94 16.14 6.10
CA ILE B 265 7.35 17.00 7.12
C ILE B 265 6.18 16.29 7.79
N ASP B 266 5.27 15.75 7.00
CA ASP B 266 4.17 14.93 7.49
C ASP B 266 3.95 13.80 6.49
N LEU B 267 2.77 13.19 6.52
CA LEU B 267 2.51 12.00 5.69
C LEU B 267 2.67 12.30 4.21
N HIS B 268 2.01 13.36 3.72
CA HIS B 268 2.01 13.66 2.29
C HIS B 268 2.62 15.03 1.98
N THR B 269 3.60 15.47 2.76
CA THR B 269 4.34 16.69 2.46
C THR B 269 5.81 16.44 2.74
N ASP B 270 6.64 16.60 1.73
CA ASP B 270 8.09 16.59 1.90
C ASP B 270 8.60 18.01 1.75
N SER B 271 9.64 18.34 2.52
CA SER B 271 10.21 19.68 2.44
C SER B 271 10.87 19.84 1.07
N LEU B 272 10.35 20.77 0.27
CA LEU B 272 11.00 21.10 -0.99
C LEU B 272 12.46 21.48 -0.77
N GLU B 273 12.76 22.17 0.34
CA GLU B 273 14.14 22.61 0.58
C GLU B 273 15.07 21.44 0.83
N LEU B 274 14.66 20.47 1.63
CA LEU B 274 15.54 19.35 1.94
C LEU B 274 15.71 18.42 0.74
N LEU B 275 14.67 18.29 -0.09
CA LEU B 275 14.79 17.50 -1.31
C LEU B 275 15.86 18.09 -2.24
N GLN B 276 15.81 19.40 -2.47
CA GLN B 276 16.79 20.00 -3.37
C GLN B 276 18.18 19.97 -2.76
N LEU B 277 18.29 20.18 -1.45
CA LEU B 277 19.60 20.09 -0.80
C LEU B 277 20.20 18.69 -0.98
N GLN B 278 19.40 17.65 -0.72
CA GLN B 278 19.88 16.29 -0.94
C GLN B 278 20.29 16.10 -2.40
N GLN B 279 19.46 16.57 -3.33
CA GLN B 279 19.71 16.36 -4.75
C GLN B 279 21.00 17.05 -5.19
N LYS B 280 21.20 18.29 -4.77
CA LYS B 280 22.41 19.01 -5.14
C LYS B 280 23.64 18.41 -4.47
N LEU B 281 23.51 17.98 -3.21
CA LEU B 281 24.64 17.33 -2.55
C LEU B 281 24.98 16.01 -3.23
N LEU B 282 23.96 15.25 -3.64
CA LEU B 282 24.20 14.01 -4.34
C LEU B 282 24.92 14.24 -5.67
N TRP B 283 24.51 15.26 -6.42
CA TRP B 283 25.18 15.56 -7.68
C TRP B 283 26.62 16.00 -7.44
N LEU B 284 26.83 16.80 -6.39
CA LEU B 284 28.19 17.18 -6.00
C LEU B 284 29.05 15.94 -5.78
N LEU B 285 28.57 15.01 -4.95
CA LEU B 285 29.29 13.76 -4.71
C LEU B 285 29.45 12.95 -5.99
N TYR B 286 28.41 12.91 -6.83
CA TYR B 286 28.51 12.19 -8.09
C TYR B 286 29.68 12.70 -8.93
N ASP B 287 29.76 14.02 -9.12
CA ASP B 287 30.81 14.60 -9.96
C ASP B 287 32.21 14.30 -9.42
N LEU B 288 32.38 14.24 -8.10
CA LEU B 288 33.68 13.87 -7.53
C LEU B 288 33.95 12.37 -7.53
N GLY B 289 33.04 11.54 -8.04
CA GLY B 289 33.27 10.11 -8.13
C GLY B 289 32.96 9.33 -6.88
N HIS B 290 32.25 9.92 -5.92
CA HIS B 290 32.08 9.31 -4.61
C HIS B 290 30.79 8.51 -4.50
N LEU B 291 29.98 8.43 -5.56
CA LEU B 291 28.85 7.50 -5.64
C LEU B 291 29.15 6.29 -6.51
N GLU B 292 30.36 6.17 -7.05
CA GLU B 292 30.70 5.07 -7.96
C GLU B 292 30.44 3.71 -7.33
N ARG B 293 30.70 3.58 -6.03
CA ARG B 293 30.54 2.31 -5.32
C ARG B 293 29.37 2.34 -4.34
N TYR B 294 28.34 3.12 -4.67
CA TYR B 294 27.21 3.36 -3.77
C TYR B 294 25.91 3.19 -4.55
N PRO B 295 25.54 1.94 -4.89
CA PRO B 295 24.31 1.74 -5.67
C PRO B 295 23.04 2.37 -5.11
N MET B 296 22.79 2.33 -3.79
CA MET B 296 21.58 3.00 -3.32
C MET B 296 21.63 4.52 -3.44
N ALA B 297 22.81 5.13 -3.32
CA ALA B 297 22.88 6.58 -3.54
C ALA B 297 22.49 6.92 -4.98
N LEU B 298 22.97 6.10 -5.93
CA LEU B 298 22.62 6.32 -7.33
C LEU B 298 21.12 6.13 -7.55
N GLY B 299 20.51 5.17 -6.85
CA GLY B 299 19.08 4.97 -6.97
C GLY B 299 18.29 6.11 -6.35
N ASN B 300 18.73 6.59 -5.17
CA ASN B 300 18.06 7.73 -4.56
C ASN B 300 18.15 8.97 -5.44
N LEU B 301 19.30 9.17 -6.10
CA LEU B 301 19.44 10.30 -7.01
C LEU B 301 18.50 10.17 -8.20
N ALA B 302 18.46 8.98 -8.80
CA ALA B 302 17.53 8.73 -9.91
C ALA B 302 16.09 9.02 -9.51
N ASP B 303 15.69 8.56 -8.31
CA ASP B 303 14.36 8.85 -7.79
C ASP B 303 14.11 10.35 -7.71
N LEU B 304 15.07 11.11 -7.17
CA LEU B 304 14.93 12.56 -7.10
C LEU B 304 14.79 13.16 -8.49
N GLU B 305 15.66 12.75 -9.42
CA GLU B 305 15.60 13.28 -10.78
C GLU B 305 14.27 12.97 -11.44
N GLU B 306 13.70 11.81 -11.11
CA GLU B 306 12.43 11.42 -11.71
C GLU B 306 11.32 12.43 -11.38
N LEU B 307 11.35 13.00 -10.18
CA LEU B 307 10.34 14.00 -9.81
C LEU B 307 10.79 15.44 -10.01
N GLU B 308 12.07 15.72 -10.21
CA GLU B 308 12.51 17.07 -10.56
C GLU B 308 13.81 16.96 -11.34
N PRO B 309 13.73 16.82 -12.67
CA PRO B 309 14.95 16.62 -13.46
C PRO B 309 15.81 17.88 -13.49
N THR B 310 17.12 17.67 -13.44
CA THR B 310 18.09 18.75 -13.47
C THR B 310 18.64 18.89 -14.89
N PRO B 311 18.52 20.04 -15.53
CA PRO B 311 18.95 20.14 -16.94
C PRO B 311 20.40 19.75 -17.11
N GLY B 312 20.68 19.01 -18.19
CA GLY B 312 22.01 18.58 -18.51
C GLY B 312 22.48 17.33 -17.81
N ARG B 313 21.64 16.72 -16.97
CA ARG B 313 22.05 15.55 -16.19
C ARG B 313 21.46 14.28 -16.78
N PRO B 314 22.08 13.13 -16.50
CA PRO B 314 21.53 11.86 -16.98
C PRO B 314 20.09 11.66 -16.51
N ASP B 315 19.30 10.98 -17.34
CA ASP B 315 17.94 10.69 -16.97
C ASP B 315 17.89 9.56 -15.94
N PRO B 316 16.77 9.40 -15.24
CA PRO B 316 16.73 8.39 -14.15
C PRO B 316 17.06 6.98 -14.59
N LEU B 317 16.57 6.54 -15.77
CA LEU B 317 16.88 5.21 -16.27
C LEU B 317 18.38 4.97 -16.36
N THR B 318 19.13 5.94 -16.86
CA THR B 318 20.58 5.81 -16.89
C THR B 318 21.16 5.66 -15.50
N LEU B 319 20.61 6.38 -14.52
CA LEU B 319 21.14 6.30 -13.17
C LEU B 319 20.80 4.95 -12.54
N TYR B 320 19.60 4.43 -12.79
CA TYR B 320 19.23 3.12 -12.26
C TYR B 320 20.18 2.04 -12.78
N HIS B 321 20.45 2.06 -14.08
CA HIS B 321 21.36 1.05 -14.62
C HIS B 321 22.79 1.26 -14.11
N LYS B 322 23.18 2.52 -13.88
CA LYS B 322 24.49 2.78 -13.26
C LYS B 322 24.58 2.12 -11.89
N GLY B 323 23.50 2.14 -11.11
CA GLY B 323 23.50 1.50 -9.81
C GLY B 323 23.62 -0.01 -9.91
N ILE B 324 22.98 -0.61 -10.91
CA ILE B 324 23.11 -2.03 -11.14
C ILE B 324 24.53 -2.37 -11.58
N ALA B 325 25.09 -1.59 -12.51
CA ALA B 325 26.46 -1.84 -12.96
C ALA B 325 27.45 -1.68 -11.81
N SER B 326 27.20 -0.73 -10.91
CA SER B 326 28.04 -0.59 -9.73
C SER B 326 27.99 -1.85 -8.87
N ALA B 327 26.79 -2.34 -8.58
CA ALA B 327 26.65 -3.57 -7.79
C ALA B 327 27.33 -4.75 -8.48
N LYS B 328 27.25 -4.84 -9.81
CA LYS B 328 27.91 -5.93 -10.52
C LYS B 328 29.42 -5.77 -10.52
N THR B 329 29.93 -4.54 -10.41
CA THR B 329 31.36 -4.27 -10.55
C THR B 329 32.10 -4.38 -9.24
N TYR B 330 31.50 -3.91 -8.15
CA TYR B 330 32.15 -3.81 -6.86
C TYR B 330 31.61 -4.76 -5.81
N TYR B 331 30.43 -5.37 -6.02
CA TYR B 331 29.77 -6.13 -4.97
C TYR B 331 29.24 -7.49 -5.45
N ARG B 332 29.90 -8.12 -6.41
CA ARG B 332 29.62 -9.50 -6.85
C ARG B 332 28.20 -9.69 -7.37
N ASP B 333 27.51 -8.60 -7.67
CA ASP B 333 26.08 -8.63 -8.03
C ASP B 333 25.23 -9.25 -6.92
N GLU B 334 25.56 -8.96 -5.66
CA GLU B 334 24.87 -9.56 -4.54
C GLU B 334 23.95 -8.59 -3.80
N HIS B 335 23.62 -7.46 -4.41
CA HIS B 335 22.69 -6.50 -3.83
C HIS B 335 21.29 -6.67 -4.43
N ILE B 336 20.29 -6.41 -3.60
CA ILE B 336 18.89 -6.57 -3.99
C ILE B 336 18.30 -5.28 -4.53
N TYR B 337 18.58 -4.14 -3.88
CA TYR B 337 17.89 -2.89 -4.17
C TYR B 337 18.17 -2.30 -5.56
N PRO B 338 19.36 -2.46 -6.16
CA PRO B 338 19.55 -1.92 -7.53
C PRO B 338 18.47 -2.37 -8.51
N TYR B 339 18.01 -3.62 -8.38
CA TYR B 339 16.96 -4.09 -9.27
C TYR B 339 15.58 -3.63 -8.82
N MET B 340 15.36 -3.50 -7.51
CA MET B 340 14.08 -3.00 -7.05
C MET B 340 13.86 -1.55 -7.45
N TYR B 341 14.93 -0.74 -7.44
CA TYR B 341 14.85 0.63 -7.93
C TYR B 341 14.34 0.65 -9.37
N LEU B 342 14.97 -0.15 -10.24
CA LEU B 342 14.61 -0.18 -11.65
C LEU B 342 13.20 -0.72 -11.86
N ALA B 343 12.84 -1.78 -11.14
CA ALA B 343 11.50 -2.33 -11.26
C ALA B 343 10.45 -1.29 -10.88
N GLY B 344 10.69 -0.55 -9.79
CA GLY B 344 9.75 0.49 -9.39
C GLY B 344 9.52 1.53 -10.47
N TYR B 345 10.59 1.96 -11.13
CA TYR B 345 10.46 2.92 -12.22
C TYR B 345 9.60 2.38 -13.36
N HIS B 346 9.90 1.15 -13.82
CA HIS B 346 9.12 0.54 -14.88
C HIS B 346 7.68 0.32 -14.44
N CYS B 347 7.47 0.00 -13.17
CA CYS B 347 6.11 -0.18 -12.67
CA CYS B 347 6.11 -0.18 -12.66
C CYS B 347 5.33 1.12 -12.70
N ARG B 348 5.97 2.23 -12.33
CA ARG B 348 5.29 3.52 -12.36
C ARG B 348 4.96 3.95 -13.79
N ASN B 349 5.73 3.49 -14.77
CA ASN B 349 5.46 3.82 -16.18
C ASN B 349 4.71 2.71 -16.90
N ARG B 350 4.19 1.72 -16.16
CA ARG B 350 3.31 0.68 -16.70
C ARG B 350 4.03 -0.17 -17.75
N ASN B 351 5.34 -0.32 -17.62
CA ASN B 351 6.16 -1.18 -18.48
C ASN B 351 6.21 -2.56 -17.83
N VAL B 352 5.21 -3.38 -18.13
CA VAL B 352 5.00 -4.62 -17.37
C VAL B 352 6.15 -5.60 -17.58
N ARG B 353 6.54 -5.82 -18.85
CA ARG B 353 7.62 -6.77 -19.14
C ARG B 353 8.91 -6.38 -18.43
N GLU B 354 9.30 -5.11 -18.55
CA GLU B 354 10.55 -4.65 -17.95
C GLU B 354 10.48 -4.59 -16.42
N ALA B 355 9.29 -4.38 -15.84
CA ALA B 355 9.17 -4.47 -14.39
C ALA B 355 9.33 -5.91 -13.93
N LEU B 356 8.64 -6.84 -14.59
CA LEU B 356 8.77 -8.26 -14.25
C LEU B 356 10.19 -8.76 -14.46
N GLN B 357 10.87 -8.25 -15.49
CA GLN B 357 12.26 -8.61 -15.74
C GLN B 357 13.16 -8.22 -14.58
N ALA B 358 12.99 -7.01 -14.04
CA ALA B 358 13.84 -6.56 -12.95
C ALA B 358 13.51 -7.25 -11.64
N TRP B 359 12.24 -7.64 -11.45
CA TRP B 359 11.90 -8.41 -10.26
C TRP B 359 12.43 -9.83 -10.36
N ALA B 360 12.34 -10.43 -11.54
CA ALA B 360 13.02 -11.70 -11.78
C ALA B 360 14.51 -11.57 -11.46
N ASP B 361 15.14 -10.50 -11.91
CA ASP B 361 16.56 -10.29 -11.58
C ASP B 361 16.76 -10.16 -10.08
N THR B 362 15.85 -9.47 -9.39
CA THR B 362 15.96 -9.33 -7.93
C THR B 362 15.94 -10.69 -7.26
N ALA B 363 14.97 -11.54 -7.61
CA ALA B 363 14.87 -12.87 -7.03
C ALA B 363 16.11 -13.71 -7.34
N THR B 364 16.75 -13.49 -8.48
CA THR B 364 17.96 -14.24 -8.78
C THR B 364 19.07 -13.92 -7.79
N VAL B 365 19.06 -12.72 -7.20
CA VAL B 365 20.08 -12.38 -6.21
C VAL B 365 19.73 -12.99 -4.85
N ILE B 366 18.46 -12.89 -4.43
CA ILE B 366 18.07 -13.40 -3.12
C ILE B 366 18.11 -14.91 -3.06
N GLN B 367 18.07 -15.60 -4.21
CA GLN B 367 18.02 -17.06 -4.20
C GLN B 367 19.25 -17.66 -3.51
N ASP B 368 20.37 -16.94 -3.49
CA ASP B 368 21.60 -17.47 -2.91
C ASP B 368 21.84 -16.95 -1.50
N TYR B 369 20.79 -16.45 -0.85
CA TYR B 369 20.82 -16.06 0.55
C TYR B 369 20.02 -17.06 1.36
N ASN B 370 20.15 -16.98 2.70
CA ASN B 370 19.40 -17.82 3.62
C ASN B 370 18.51 -16.94 4.49
N TYR B 371 17.20 -17.12 4.37
CA TYR B 371 16.26 -16.27 5.09
C TYR B 371 16.40 -16.45 6.59
N CYS B 372 16.39 -15.33 7.32
CA CYS B 372 16.37 -15.37 8.77
C CYS B 372 15.52 -14.23 9.31
N ARG B 373 15.18 -14.34 10.60
CA ARG B 373 14.31 -13.35 11.24
C ARG B 373 14.77 -11.92 11.03
N GLU B 374 16.07 -11.70 10.87
CA GLU B 374 16.59 -10.35 10.73
C GLU B 374 16.36 -9.76 9.36
N ASP B 375 15.94 -10.57 8.38
CA ASP B 375 15.69 -10.11 7.02
C ASP B 375 14.33 -9.48 6.85
N GLU B 376 13.71 -9.02 7.94
CA GLU B 376 12.31 -8.63 7.89
C GLU B 376 12.08 -7.44 6.95
N GLU B 377 13.07 -6.57 6.75
CA GLU B 377 12.90 -5.48 5.80
C GLU B 377 12.73 -5.97 4.37
N ILE B 378 13.62 -6.86 3.91
CA ILE B 378 13.50 -7.32 2.54
C ILE B 378 12.37 -8.34 2.40
N TYR B 379 11.96 -9.00 3.49
CA TYR B 379 10.76 -9.84 3.41
C TYR B 379 9.54 -9.00 3.08
N LYS B 380 9.39 -7.83 3.71
CA LYS B 380 8.22 -7.00 3.41
C LYS B 380 8.22 -6.51 1.98
N GLU B 381 9.40 -6.21 1.43
CA GLU B 381 9.46 -5.74 0.05
C GLU B 381 9.06 -6.85 -0.91
N PHE B 382 9.57 -8.07 -0.71
CA PHE B 382 9.18 -9.19 -1.55
C PHE B 382 7.71 -9.53 -1.38
N PHE B 383 7.21 -9.45 -0.16
CA PHE B 383 5.78 -9.69 0.08
C PHE B 383 4.93 -8.70 -0.72
N GLU B 384 5.27 -7.41 -0.64
CA GLU B 384 4.47 -6.41 -1.34
C GLU B 384 4.49 -6.62 -2.84
N VAL B 385 5.66 -6.96 -3.41
CA VAL B 385 5.76 -7.18 -4.84
C VAL B 385 4.91 -8.39 -5.25
N ALA B 386 5.06 -9.50 -4.52
CA ALA B 386 4.35 -10.73 -4.89
C ALA B 386 2.85 -10.61 -4.71
N ASN B 387 2.41 -9.95 -3.63
CA ASN B 387 1.00 -10.00 -3.24
C ASN B 387 0.30 -8.66 -3.36
N ASP B 388 0.90 -7.67 -4.02
CA ASP B 388 0.19 -6.42 -4.29
C ASP B 388 0.58 -5.86 -5.65
N VAL B 389 1.87 -5.57 -5.83
CA VAL B 389 2.33 -4.86 -7.02
C VAL B 389 2.14 -5.72 -8.27
N ILE B 390 2.68 -6.95 -8.27
CA ILE B 390 2.56 -7.80 -9.45
C ILE B 390 1.10 -8.13 -9.75
N PRO B 391 0.25 -8.48 -8.77
CA PRO B 391 -1.18 -8.65 -9.10
C PRO B 391 -1.80 -7.43 -9.75
N ASN B 392 -1.57 -6.24 -9.18
CA ASN B 392 -2.11 -5.02 -9.77
C ASN B 392 -1.62 -4.84 -11.20
N LEU B 393 -0.32 -5.05 -11.41
CA LEU B 393 0.28 -4.86 -12.73
C LEU B 393 -0.33 -5.83 -13.73
N LEU B 394 -0.45 -7.11 -13.36
CA LEU B 394 -1.00 -8.10 -14.26
C LEU B 394 -2.50 -7.94 -14.45
N LYS B 395 -3.22 -7.48 -13.41
CA LYS B 395 -4.66 -7.27 -13.54
C LYS B 395 -4.97 -6.18 -14.56
N GLU B 396 -4.21 -5.08 -14.51
CA GLU B 396 -4.35 -4.01 -15.48
C GLU B 396 -4.01 -4.49 -16.89
N ALA B 397 -2.82 -5.09 -17.06
CA ALA B 397 -2.42 -5.59 -18.37
C ALA B 397 -3.44 -6.57 -18.93
N ALA B 398 -4.10 -7.33 -18.06
CA ALA B 398 -5.16 -8.23 -18.52
C ALA B 398 -6.35 -7.47 -19.05
N SER B 399 -6.73 -6.38 -18.38
CA SER B 399 -7.86 -5.58 -18.84
C SER B 399 -7.56 -4.94 -20.19
N LEU B 400 -6.35 -4.40 -20.35
CA LEU B 400 -5.99 -3.73 -21.60
C LEU B 400 -5.91 -4.71 -22.77
N LEU B 401 -5.29 -5.88 -22.54
CA LEU B 401 -5.23 -6.90 -23.58
C LEU B 401 -6.62 -7.25 -24.07
N GLU B 402 -7.53 -7.59 -23.16
CA GLU B 402 -8.85 -8.05 -23.56
C GLU B 402 -9.70 -6.89 -24.10
N ALA B 403 -9.59 -5.71 -23.49
CA ALA B 403 -10.33 -4.56 -24.01
C ALA B 403 -9.82 -4.18 -25.41
N GLY B 404 -8.49 -4.21 -25.60
CA GLY B 404 -7.94 -3.92 -26.91
C GLY B 404 -8.34 -4.94 -27.96
N GLU B 405 -8.46 -6.21 -27.56
CA GLU B 405 -8.96 -7.22 -28.48
C GLU B 405 -10.38 -6.93 -28.93
N GLU B 406 -11.14 -6.19 -28.12
CA GLU B 406 -12.51 -5.84 -28.48
C GLU B 406 -12.56 -4.45 -29.14
N GLN B 418 2.00 -4.59 -30.01
CA GLN B 418 1.00 -5.60 -29.70
C GLN B 418 1.63 -6.72 -28.87
N GLY B 419 2.78 -6.43 -28.28
CA GLY B 419 3.46 -7.41 -27.46
C GLY B 419 3.06 -7.32 -26.00
N SER B 420 1.82 -7.69 -25.68
CA SER B 420 1.40 -7.70 -24.29
C SER B 420 2.27 -8.67 -23.50
N ALA B 421 2.68 -8.24 -22.30
CA ALA B 421 3.46 -9.13 -21.44
C ALA B 421 2.71 -10.42 -21.20
N LEU B 422 1.38 -10.37 -21.20
CA LEU B 422 0.58 -11.55 -20.92
C LEU B 422 0.65 -12.59 -22.05
N GLN B 423 1.06 -12.20 -23.25
CA GLN B 423 1.21 -13.14 -24.35
C GLN B 423 2.67 -13.54 -24.56
N ASP B 424 3.56 -13.12 -23.66
CA ASP B 424 4.98 -13.36 -23.78
C ASP B 424 5.38 -14.53 -22.89
N PRO B 425 5.77 -15.68 -23.44
CA PRO B 425 6.24 -16.77 -22.56
C PRO B 425 7.41 -16.38 -21.67
N GLU B 426 8.23 -15.41 -22.07
CA GLU B 426 9.33 -15.00 -21.21
C GLU B 426 8.88 -14.06 -20.09
N CYS B 427 7.71 -13.43 -20.21
CA CYS B 427 7.15 -12.75 -19.05
C CYS B 427 6.58 -13.75 -18.05
N PHE B 428 5.94 -14.82 -18.53
CA PHE B 428 5.59 -15.91 -17.64
C PHE B 428 6.85 -16.43 -16.95
N ALA B 429 7.93 -16.58 -17.71
CA ALA B 429 9.20 -17.04 -17.14
C ALA B 429 9.69 -16.11 -16.02
N HIS B 430 9.60 -14.79 -16.23
CA HIS B 430 9.98 -13.84 -15.18
C HIS B 430 9.18 -14.10 -13.91
N LEU B 431 7.86 -14.25 -14.03
CA LEU B 431 7.03 -14.48 -12.86
C LEU B 431 7.50 -15.73 -12.11
N LEU B 432 7.74 -16.82 -12.85
CA LEU B 432 8.17 -18.08 -12.22
C LEU B 432 9.55 -17.95 -11.58
N ARG B 433 10.48 -17.27 -12.25
CA ARG B 433 11.82 -17.10 -11.70
C ARG B 433 11.79 -16.27 -10.43
N PHE B 434 10.84 -15.33 -10.34
CA PHE B 434 10.65 -14.56 -9.12
C PHE B 434 10.28 -15.48 -7.96
N TYR B 435 9.30 -16.35 -8.16
CA TYR B 435 8.90 -17.28 -7.11
C TYR B 435 9.99 -18.30 -6.85
N ASP B 436 10.71 -18.73 -7.90
CA ASP B 436 11.82 -19.68 -7.72
C ASP B 436 12.88 -19.12 -6.77
N GLY B 437 13.24 -17.85 -6.93
CA GLY B 437 14.24 -17.25 -6.06
C GLY B 437 13.79 -17.18 -4.61
N ILE B 438 12.53 -16.82 -4.40
CA ILE B 438 11.99 -16.71 -3.06
C ILE B 438 11.94 -18.07 -2.38
N CYS B 439 11.57 -19.10 -3.13
CA CYS B 439 11.57 -20.46 -2.59
C CYS B 439 12.99 -20.87 -2.17
N LYS B 440 13.96 -20.63 -3.05
CA LYS B 440 15.36 -20.95 -2.76
C LYS B 440 15.86 -20.20 -1.53
N TRP B 441 15.49 -18.93 -1.41
CA TRP B 441 15.82 -18.14 -0.22
C TRP B 441 15.33 -18.83 1.05
N GLU B 442 14.17 -19.47 0.98
CA GLU B 442 13.58 -20.16 2.12
C GLU B 442 14.35 -21.42 2.50
N GLU B 443 15.03 -22.05 1.54
CA GLU B 443 15.79 -23.24 1.84
C GLU B 443 16.98 -22.91 2.74
N GLY B 444 17.44 -23.90 3.48
CA GLY B 444 18.51 -23.70 4.43
C GLY B 444 18.15 -22.69 5.50
N SER B 445 16.86 -22.54 5.79
CA SER B 445 16.37 -21.54 6.72
C SER B 445 15.37 -22.17 7.66
N PRO B 446 15.38 -21.81 8.94
CA PRO B 446 14.42 -22.38 9.89
C PRO B 446 13.02 -21.83 9.67
N THR B 447 12.85 -20.52 9.86
CA THR B 447 11.55 -19.91 9.67
C THR B 447 11.14 -20.02 8.20
N PRO B 448 9.85 -20.19 7.91
CA PRO B 448 9.39 -20.22 6.53
C PRO B 448 9.06 -18.83 6.00
N VAL B 449 9.28 -18.66 4.70
CA VAL B 449 8.88 -17.43 4.02
C VAL B 449 7.46 -17.56 3.46
N LEU B 450 7.17 -18.65 2.76
CA LEU B 450 5.90 -18.79 2.07
C LEU B 450 4.84 -19.35 3.00
N HIS B 451 3.65 -18.74 2.97
CA HIS B 451 2.52 -19.21 3.76
C HIS B 451 1.25 -19.06 2.93
N VAL B 452 0.12 -19.45 3.53
CA VAL B 452 -1.13 -19.59 2.79
C VAL B 452 -1.55 -18.28 2.14
N GLY B 453 -1.20 -17.15 2.75
CA GLY B 453 -1.52 -15.86 2.18
C GLY B 453 -0.81 -15.57 0.87
N TRP B 454 0.31 -16.24 0.60
CA TRP B 454 1.01 -16.11 -0.68
C TRP B 454 0.34 -16.94 -1.77
N ALA B 455 -0.36 -18.00 -1.39
CA ALA B 455 -0.82 -18.97 -2.37
C ALA B 455 -1.83 -18.36 -3.32
N THR B 456 -2.77 -17.56 -2.79
CA THR B 456 -3.86 -17.07 -3.62
C THR B 456 -3.35 -16.18 -4.74
N PHE B 457 -2.39 -15.30 -4.44
CA PHE B 457 -1.91 -14.37 -5.45
C PHE B 457 -1.04 -15.08 -6.49
N LEU B 458 -0.25 -16.08 -6.06
CA LEU B 458 0.44 -16.93 -7.02
C LEU B 458 -0.54 -17.54 -8.02
N VAL B 459 -1.58 -18.20 -7.52
CA VAL B 459 -2.55 -18.85 -8.39
C VAL B 459 -3.19 -17.84 -9.34
N GLN B 460 -3.57 -16.68 -8.82
CA GLN B 460 -4.24 -15.69 -9.66
C GLN B 460 -3.27 -15.13 -10.71
N SER B 461 -2.03 -14.85 -10.31
CA SER B 461 -1.05 -14.35 -11.28
C SER B 461 -0.79 -15.37 -12.38
N LEU B 462 -0.65 -16.65 -12.02
CA LEU B 462 -0.46 -17.67 -13.04
C LEU B 462 -1.61 -17.64 -14.04
N GLY B 463 -2.83 -17.43 -13.56
CA GLY B 463 -4.02 -17.46 -14.41
C GLY B 463 -4.09 -16.34 -15.44
N ARG B 464 -3.32 -15.27 -15.27
CA ARG B 464 -3.32 -14.18 -16.24
C ARG B 464 -2.67 -14.56 -17.55
N PHE B 465 -1.99 -15.71 -17.59
CA PHE B 465 -1.33 -16.19 -18.80
C PHE B 465 -2.08 -17.42 -19.31
N GLU B 466 -2.42 -17.41 -20.60
CA GLU B 466 -3.16 -18.52 -21.17
C GLU B 466 -2.29 -19.78 -21.19
N GLY B 467 -2.96 -20.94 -21.25
CA GLY B 467 -2.23 -22.20 -21.30
C GLY B 467 -1.22 -22.26 -22.43
N GLN B 468 -1.65 -21.87 -23.63
CA GLN B 468 -0.77 -21.87 -24.80
C GLN B 468 0.52 -21.10 -24.52
N VAL B 469 0.42 -19.94 -23.87
CA VAL B 469 1.60 -19.16 -23.51
C VAL B 469 2.43 -19.91 -22.48
N ARG B 470 1.77 -20.36 -21.41
CA ARG B 470 2.49 -21.00 -20.32
C ARG B 470 3.22 -22.26 -20.79
N GLN B 471 2.66 -22.98 -21.77
CA GLN B 471 3.31 -24.16 -22.35
C GLN B 471 4.69 -23.83 -22.92
N LYS B 472 4.88 -22.63 -23.47
CA LYS B 472 6.11 -22.29 -24.18
C LYS B 472 7.21 -21.83 -23.25
N VAL B 473 7.00 -21.80 -21.94
CA VAL B 473 8.05 -21.42 -21.03
C VAL B 473 9.13 -22.49 -21.03
N ARG B 474 10.37 -22.07 -21.19
CA ARG B 474 11.51 -22.98 -21.05
C ARG B 474 12.36 -22.40 -19.93
N ILE B 475 12.26 -23.04 -18.77
CA ILE B 475 12.88 -22.54 -17.55
C ILE B 475 13.41 -23.73 -16.77
N THR B 476 14.51 -23.50 -16.07
CA THR B 476 15.10 -24.51 -15.19
C THR B 476 15.11 -23.93 -13.79
N PHE B 477 14.41 -24.59 -12.88
CA PHE B 477 14.28 -24.10 -11.52
C PHE B 477 15.49 -24.50 -10.67
N GLN B 478 15.82 -23.65 -9.70
CA GLN B 478 16.86 -23.98 -8.75
C GLN B 478 16.31 -24.39 -7.39
N SER B 479 15.06 -24.07 -7.09
CA SER B 479 14.46 -24.42 -5.80
C SER B 479 13.70 -25.74 -5.89
N GLU B 480 13.67 -26.46 -4.77
CA GLU B 480 13.01 -27.76 -4.74
C GLU B 480 11.51 -27.63 -4.90
N LYS B 481 10.92 -26.56 -4.34
CA LYS B 481 9.47 -26.38 -4.40
C LYS B 481 9.00 -26.11 -5.83
N MET B 482 9.67 -25.19 -6.53
CA MET B 482 9.27 -24.87 -7.89
C MET B 482 9.43 -26.07 -8.82
N LYS B 483 10.52 -26.82 -8.69
CA LYS B 483 10.65 -28.06 -9.44
C LYS B 483 9.51 -29.02 -9.10
N GLY B 484 9.08 -29.00 -7.84
CA GLY B 484 8.04 -29.93 -7.41
C GLY B 484 6.72 -29.72 -8.10
N MET B 485 6.37 -28.46 -8.43
CA MET B 485 5.07 -28.17 -9.03
C MET B 485 5.19 -27.70 -10.48
N LYS B 486 6.33 -27.95 -11.14
CA LYS B 486 6.57 -27.43 -12.48
C LYS B 486 5.47 -27.81 -13.46
N GLU B 487 5.09 -29.09 -13.50
CA GLU B 487 4.00 -29.51 -14.37
C GLU B 487 2.67 -28.86 -13.97
N LEU B 488 2.46 -28.62 -12.67
CA LEU B 488 1.23 -27.95 -12.26
C LEU B 488 1.18 -26.50 -12.77
N LEU B 489 2.33 -25.84 -12.85
CA LEU B 489 2.36 -24.43 -13.25
C LEU B 489 2.12 -24.24 -14.74
N VAL B 490 2.29 -25.28 -15.56
CA VAL B 490 2.10 -25.14 -17.00
C VAL B 490 0.86 -25.86 -17.51
N ALA B 491 0.16 -26.61 -16.66
CA ALA B 491 -0.99 -27.38 -17.12
C ALA B 491 -2.11 -26.45 -17.60
N THR B 492 -2.90 -26.94 -18.57
CA THR B 492 -3.96 -26.12 -19.16
C THR B 492 -4.89 -25.55 -18.10
N LYS B 493 -5.41 -26.41 -17.23
CA LYS B 493 -6.21 -25.96 -16.10
C LYS B 493 -5.36 -25.95 -14.84
N ILE B 494 -5.32 -24.81 -14.16
CA ILE B 494 -4.49 -24.64 -12.97
C ILE B 494 -5.24 -25.18 -11.76
N ASN B 495 -4.59 -26.05 -11.01
CA ASN B 495 -5.18 -26.56 -9.77
C ASN B 495 -4.64 -25.73 -8.61
N SER B 496 -5.47 -24.82 -8.10
CA SER B 496 -5.10 -24.01 -6.95
C SER B 496 -4.70 -24.89 -5.77
N SER B 497 -5.50 -25.93 -5.51
CA SER B 497 -5.29 -26.78 -4.35
C SER B 497 -3.89 -27.39 -4.36
N ALA B 498 -3.50 -28.01 -5.48
CA ALA B 498 -2.18 -28.64 -5.55
C ALA B 498 -1.06 -27.63 -5.42
N ILE B 499 -1.21 -26.47 -6.07
CA ILE B 499 -0.14 -25.48 -6.03
C ILE B 499 -0.01 -24.88 -4.63
N LYS B 500 -1.14 -24.68 -3.94
CA LYS B 500 -1.11 -24.16 -2.58
C LYS B 500 -0.35 -25.09 -1.64
N LEU B 501 -0.64 -26.38 -1.72
CA LEU B 501 0.03 -27.36 -0.86
C LEU B 501 1.53 -27.35 -1.11
N GLN B 502 1.94 -27.37 -2.38
CA GLN B 502 3.37 -27.38 -2.70
C GLN B 502 4.04 -26.10 -2.22
N LEU B 503 3.39 -24.96 -2.44
CA LEU B 503 4.01 -23.67 -2.15
C LEU B 503 4.24 -23.48 -0.65
N THR B 504 3.39 -24.07 0.18
CA THR B 504 3.37 -23.76 1.61
C THR B 504 3.82 -24.93 2.48
N ALA B 505 4.41 -25.96 1.89
CA ALA B 505 4.93 -27.06 2.69
C ALA B 505 6.33 -26.70 3.23
N GLN B 506 6.93 -27.66 3.93
CA GLN B 506 8.27 -27.49 4.49
C GLN B 506 9.34 -27.40 3.39
#